data_3GL1
#
_entry.id   3GL1
#
_cell.length_a   76.543
_cell.length_b   54.504
_cell.length_c   90.623
_cell.angle_alpha   90.00
_cell.angle_beta   104.36
_cell.angle_gamma   90.00
#
_symmetry.space_group_name_H-M   'P 1 21 1'
#
loop_
_entity.id
_entity.type
_entity.pdbx_description
1 polymer 'Heat shock protein SSB1'
2 non-polymer 'MAGNESIUM ION'
3 non-polymer 'CHLORIDE ION'
4 non-polymer GLYCEROL
5 water water
#
_entity_poly.entity_id   1
_entity_poly.type   'polypeptide(L)'
_entity_poly.pdbx_seq_one_letter_code
;SNAMAEGVFQGAIGIDLGTTYSCVATYESSVEIIANEQGNRVTPSFVAFTPEERLIGDAAKNQAALNPRNTVFDAKRLIG
RRFDDESVQKDMKTWPFKVIDVDGNPVIEVQYLEETKTFSPQEISAMVLTKMKEIAEAKIGKKVEKAVITVPAYFNDAQR
QATKDAGAISGLNVLRIINEPTAAAIAYGLGAGKSEKERHVLIFDLGGGTFDVSLLHIAGGVYTVKSTSGNTHLGGQDFD
TNLLEHFKAEFKKKTGLDISDDARALRRLRTAAERAKRTLSSVTQTTVEVDSLFDGEDFESSLTRARFEDLNAALFKSTL
EPVEQVLKDAKISKSQIDEVVLVGGSTRIPKVQKLLSDFFDGKQLEKSINPDEAVAYGAAVQGAILT
;
_entity_poly.pdbx_strand_id   A,B
#
loop_
_chem_comp.id
_chem_comp.type
_chem_comp.name
_chem_comp.formula
CL non-polymer 'CHLORIDE ION' 'Cl -1'
GOL non-polymer GLYCEROL 'C3 H8 O3'
MG non-polymer 'MAGNESIUM ION' 'Mg 2'
#
# COMPACT_ATOMS: atom_id res chain seq x y z
N ALA A 5 -35.71 10.98 -4.81
CA ALA A 5 -35.23 9.60 -4.45
C ALA A 5 -34.41 8.97 -5.59
N GLU A 6 -34.60 9.49 -6.80
CA GLU A 6 -33.88 9.00 -8.00
C GLU A 6 -32.39 9.09 -7.82
N GLY A 7 -31.71 7.95 -7.96
CA GLY A 7 -30.27 7.89 -7.90
C GLY A 7 -29.76 8.04 -6.48
N VAL A 8 -30.64 7.98 -5.48
CA VAL A 8 -30.25 8.03 -4.04
C VAL A 8 -30.48 6.71 -3.31
N PHE A 9 -29.50 6.33 -2.51
CA PHE A 9 -29.51 5.13 -1.71
C PHE A 9 -30.53 5.36 -0.60
N GLN A 10 -31.41 4.40 -0.43
CA GLN A 10 -32.51 4.58 0.55
C GLN A 10 -32.04 4.21 1.97
N GLY A 11 -30.87 3.56 2.05
CA GLY A 11 -30.31 3.18 3.31
C GLY A 11 -29.47 4.23 4.01
N ALA A 12 -28.81 3.77 5.05
CA ALA A 12 -27.88 4.60 5.78
C ALA A 12 -26.62 3.79 5.84
N ILE A 13 -25.53 4.35 5.36
CA ILE A 13 -24.23 3.71 5.56
C ILE A 13 -23.80 3.75 7.05
N GLY A 14 -22.99 2.77 7.40
CA GLY A 14 -22.37 2.69 8.70
C GLY A 14 -20.90 3.11 8.67
N ILE A 15 -20.52 4.06 9.50
CA ILE A 15 -19.15 4.59 9.50
C ILE A 15 -18.52 4.52 10.87
N ASP A 16 -17.41 3.77 10.92
CA ASP A 16 -16.50 3.75 12.01
C ASP A 16 -15.43 4.84 11.69
N LEU A 17 -15.56 5.97 12.39
CA LEU A 17 -14.67 7.10 12.23
C LEU A 17 -13.57 6.93 13.26
N GLY A 18 -12.55 6.19 12.89
CA GLY A 18 -11.52 5.81 13.90
C GLY A 18 -10.49 6.88 14.01
N THR A 19 -9.75 6.81 15.11
CA THR A 19 -8.66 7.71 15.35
C THR A 19 -7.61 7.66 14.25
N THR A 20 -7.18 6.44 13.89
CA THR A 20 -6.13 6.28 12.90
CA THR A 20 -6.13 6.29 12.89
C THR A 20 -6.68 5.73 11.57
N TYR A 21 -7.66 4.86 11.67
CA TYR A 21 -8.30 4.29 10.49
C TYR A 21 -9.80 4.32 10.56
N SER A 22 -10.40 4.58 9.40
CA SER A 22 -11.85 4.56 9.27
C SER A 22 -12.30 3.44 8.35
N CYS A 23 -13.56 3.03 8.52
CA CYS A 23 -14.17 1.86 7.82
C CYS A 23 -15.66 2.12 7.56
N VAL A 24 -16.17 1.80 6.37
CA VAL A 24 -17.54 2.07 5.97
C VAL A 24 -18.14 0.74 5.44
N ALA A 25 -19.41 0.52 5.78
CA ALA A 25 -20.14 -0.68 5.49
C ALA A 25 -21.56 -0.27 5.12
N THR A 26 -22.22 -1.12 4.34
CA THR A 26 -23.64 -0.96 4.03
C THR A 26 -24.37 -2.29 4.15
N TYR A 27 -25.69 -2.26 4.30
CA TYR A 27 -26.46 -3.50 4.40
C TYR A 27 -27.60 -3.57 3.38
N GLU A 28 -27.29 -3.81 2.10
CA GLU A 28 -28.35 -4.02 1.10
C GLU A 28 -28.95 -5.41 1.40
N SER A 29 -28.70 -6.39 0.56
CA SER A 29 -29.20 -7.72 0.90
C SER A 29 -28.29 -8.45 1.93
N SER A 30 -27.06 -7.97 2.12
CA SER A 30 -26.28 -8.42 3.26
C SER A 30 -25.31 -7.31 3.68
N VAL A 31 -24.60 -7.54 4.76
CA VAL A 31 -23.67 -6.51 5.23
C VAL A 31 -22.34 -6.65 4.50
N GLU A 32 -21.91 -5.58 3.85
CA GLU A 32 -20.64 -5.54 3.13
C GLU A 32 -19.79 -4.35 3.60
N ILE A 33 -18.51 -4.61 3.84
CA ILE A 33 -17.54 -3.58 4.09
C ILE A 33 -17.05 -3.13 2.71
N ILE A 34 -16.89 -1.82 2.56
CA ILE A 34 -16.57 -1.26 1.25
C ILE A 34 -15.10 -0.90 1.11
N ALA A 35 -14.47 -1.37 0.03
CA ALA A 35 -13.06 -1.04 -0.24
C ALA A 35 -12.94 0.31 -0.95
N ASN A 36 -11.86 1.02 -0.67
CA ASN A 36 -11.59 2.30 -1.31
C ASN A 36 -10.89 2.08 -2.64
N GLU A 37 -10.54 3.19 -3.28
CA GLU A 37 -9.98 3.18 -4.63
C GLU A 37 -8.63 2.43 -4.69
N GLN A 38 -7.87 2.37 -3.60
CA GLN A 38 -6.65 1.55 -3.58
C GLN A 38 -6.92 0.10 -3.17
N GLY A 39 -8.18 -0.29 -3.06
CA GLY A 39 -8.58 -1.65 -2.72
C GLY A 39 -8.45 -1.99 -1.26
N ASN A 40 -8.43 -0.98 -0.39
CA ASN A 40 -8.31 -1.20 1.03
C ASN A 40 -9.67 -1.08 1.75
N ARG A 41 -9.95 -2.02 2.66
CA ARG A 41 -11.19 -2.05 3.42
C ARG A 41 -11.21 -1.15 4.67
N VAL A 42 -10.06 -0.58 5.04
CA VAL A 42 -9.98 0.55 5.99
C VAL A 42 -9.17 1.66 5.29
N THR A 43 -9.33 2.90 5.75
CA THR A 43 -8.83 4.09 5.10
C THR A 43 -8.28 4.97 6.19
N PRO A 44 -7.02 5.41 6.06
CA PRO A 44 -6.41 6.25 7.09
C PRO A 44 -7.24 7.50 7.30
N SER A 45 -7.40 7.86 8.57
CA SER A 45 -8.12 9.07 8.94
C SER A 45 -7.12 10.21 8.88
N PHE A 46 -6.66 10.47 7.67
CA PHE A 46 -5.61 11.41 7.36
C PHE A 46 -6.07 12.38 6.28
N VAL A 47 -5.73 13.64 6.49
CA VAL A 47 -5.92 14.71 5.47
C VAL A 47 -4.64 15.45 5.24
N ALA A 48 -4.15 15.42 4.02
CA ALA A 48 -2.99 16.22 3.63
C ALA A 48 -3.35 17.38 2.71
N PHE A 49 -2.67 18.51 2.94
CA PHE A 49 -2.77 19.71 2.14
C PHE A 49 -1.41 19.99 1.47
N THR A 50 -1.42 20.27 0.18
CA THR A 50 -0.18 20.51 -0.57
C THR A 50 -0.30 21.82 -1.33
N PRO A 51 0.81 22.28 -1.96
CA PRO A 51 0.72 23.48 -2.79
C PRO A 51 -0.31 23.35 -3.93
N GLU A 52 -0.71 22.14 -4.28
CA GLU A 52 -1.59 21.89 -5.42
C GLU A 52 -2.95 21.26 -5.11
N GLU A 53 -3.08 20.51 -4.03
CA GLU A 53 -4.31 19.76 -3.83
C GLU A 53 -4.45 19.29 -2.38
N ARG A 54 -5.58 18.65 -2.11
CA ARG A 54 -5.85 18.00 -0.85
C ARG A 54 -6.02 16.51 -1.07
N LEU A 55 -5.44 15.71 -0.18
CA LEU A 55 -5.49 14.26 -0.28
C LEU A 55 -6.16 13.78 0.97
N ILE A 56 -6.96 12.73 0.84
CA ILE A 56 -7.62 12.13 1.97
C ILE A 56 -7.43 10.65 1.94
N GLY A 57 -7.05 10.11 3.09
CA GLY A 57 -6.92 8.65 3.24
C GLY A 57 -5.56 8.11 2.90
N ASP A 58 -5.49 7.09 2.05
CA ASP A 58 -4.22 6.39 1.87
C ASP A 58 -3.11 7.30 1.33
N ALA A 59 -3.44 8.09 0.31
CA ALA A 59 -2.45 8.96 -0.31
C ALA A 59 -1.94 9.96 0.75
N ALA A 60 -2.80 10.34 1.67
CA ALA A 60 -2.43 11.40 2.64
C ALA A 60 -1.41 10.77 3.59
N LYS A 61 -1.68 9.56 4.03
CA LYS A 61 -0.78 8.90 4.94
C LYS A 61 0.54 8.56 4.23
N ASN A 62 0.43 8.17 2.97
CA ASN A 62 1.65 7.77 2.29
CA ASN A 62 1.62 7.76 2.24
C ASN A 62 2.67 8.90 2.07
N GLN A 63 2.22 10.17 2.02
CA GLN A 63 3.16 11.31 1.84
C GLN A 63 3.44 12.10 3.15
N ALA A 64 2.97 11.57 4.28
CA ALA A 64 3.04 12.23 5.57
C ALA A 64 4.44 12.57 5.90
N ALA A 65 5.35 11.60 5.71
CA ALA A 65 6.76 11.79 5.96
C ALA A 65 7.37 12.89 5.10
N LEU A 66 6.89 13.04 3.86
CA LEU A 66 7.37 14.09 2.98
C LEU A 66 6.78 15.46 3.26
N ASN A 67 5.71 15.53 4.05
CA ASN A 67 4.89 16.76 4.17
C ASN A 67 4.29 16.82 5.60
N PRO A 68 5.17 16.75 6.60
CA PRO A 68 4.66 16.55 7.94
C PRO A 68 3.91 17.76 8.50
N ARG A 69 4.30 18.99 8.17
CA ARG A 69 3.61 20.15 8.77
C ARG A 69 2.17 20.25 8.31
N ASN A 70 1.86 19.74 7.11
CA ASN A 70 0.54 19.95 6.49
C ASN A 70 -0.26 18.69 6.25
N THR A 71 0.17 17.61 6.92
CA THR A 71 -0.54 16.35 6.98
C THR A 71 -1.17 16.15 8.36
N VAL A 72 -2.49 16.21 8.40
CA VAL A 72 -3.26 16.23 9.64
C VAL A 72 -3.83 14.85 9.92
N PHE A 73 -3.71 14.42 11.16
CA PHE A 73 -4.17 13.13 11.63
C PHE A 73 -4.52 13.27 13.13
N ASP A 74 -5.03 12.21 13.75
CA ASP A 74 -5.55 12.24 15.10
C ASP A 74 -6.56 13.34 15.45
N ALA A 75 -7.33 13.87 14.48
CA ALA A 75 -8.37 14.85 14.84
C ALA A 75 -9.39 14.30 15.87
N LYS A 76 -9.54 12.99 15.99
CA LYS A 76 -10.50 12.45 16.93
C LYS A 76 -10.02 12.77 18.36
N ARG A 77 -8.74 13.08 18.50
CA ARG A 77 -8.19 13.42 19.83
CA ARG A 77 -8.21 13.41 19.85
C ARG A 77 -8.50 14.86 20.22
N LEU A 78 -8.96 15.66 19.26
CA LEU A 78 -9.33 17.07 19.47
C LEU A 78 -10.82 17.30 19.46
N ILE A 79 -11.57 16.45 18.76
CA ILE A 79 -12.92 16.82 18.42
C ILE A 79 -13.78 16.96 19.69
N GLY A 80 -14.53 18.06 19.78
CA GLY A 80 -15.33 18.38 20.95
C GLY A 80 -14.51 18.71 22.20
N ARG A 81 -13.20 18.95 22.07
CA ARG A 81 -12.40 19.36 23.23
C ARG A 81 -12.01 20.84 23.19
N ARG A 82 -11.40 21.29 24.30
CA ARG A 82 -10.98 22.67 24.50
CA ARG A 82 -10.98 22.68 24.47
C ARG A 82 -9.47 22.76 24.39
N PHE A 83 -8.97 23.89 23.91
CA PHE A 83 -7.53 24.05 23.73
C PHE A 83 -6.73 23.76 25.00
N ASP A 84 -7.16 24.36 26.11
CA ASP A 84 -6.43 24.16 27.37
C ASP A 84 -6.76 22.84 28.10
N ASP A 85 -7.53 21.94 27.48
CA ASP A 85 -7.66 20.58 28.03
C ASP A 85 -6.31 19.88 28.16
N GLU A 86 -6.24 19.00 29.14
CA GLU A 86 -4.98 18.40 29.54
C GLU A 86 -4.54 17.34 28.51
N SER A 87 -5.45 16.52 28.03
CA SER A 87 -5.08 15.57 26.96
C SER A 87 -4.56 16.32 25.73
N VAL A 88 -5.22 17.44 25.42
CA VAL A 88 -4.91 18.24 24.22
C VAL A 88 -3.52 18.86 24.28
N GLN A 89 -3.30 19.65 25.33
CA GLN A 89 -2.01 20.30 25.54
C GLN A 89 -0.90 19.26 25.42
N LYS A 90 -1.15 18.11 25.99
CA LYS A 90 -0.22 17.01 25.90
C LYS A 90 -0.08 16.43 24.49
N ASP A 91 -1.21 16.11 23.86
CA ASP A 91 -1.19 15.55 22.48
C ASP A 91 -0.46 16.45 21.50
N MET A 92 -0.61 17.77 21.66
CA MET A 92 -0.02 18.73 20.72
C MET A 92 1.49 18.67 20.64
N LYS A 93 2.13 18.28 21.74
CA LYS A 93 3.60 18.24 21.74
C LYS A 93 4.11 17.08 20.88
N THR A 94 3.21 16.16 20.53
CA THR A 94 3.54 14.95 19.78
CA THR A 94 3.57 14.96 19.77
C THR A 94 3.20 15.04 18.30
N TRP A 95 2.64 16.17 17.86
CA TRP A 95 2.20 16.30 16.46
C TRP A 95 3.04 17.26 15.71
N PRO A 96 3.36 16.93 14.44
CA PRO A 96 4.20 17.81 13.68
C PRO A 96 3.43 18.93 13.03
N PHE A 97 2.11 18.88 13.05
CA PHE A 97 1.29 19.95 12.47
C PHE A 97 0.88 20.94 13.61
N LYS A 98 0.65 22.18 13.24
CA LYS A 98 0.32 23.27 14.18
C LYS A 98 -1.13 23.26 14.64
N VAL A 99 -1.32 23.44 15.95
CA VAL A 99 -2.64 23.52 16.55
C VAL A 99 -2.65 24.80 17.35
N ILE A 100 -3.58 25.69 17.06
CA ILE A 100 -3.65 26.96 17.74
C ILE A 100 -4.92 27.05 18.56
N ASP A 101 -4.96 28.08 19.40
CA ASP A 101 -6.08 28.37 20.24
C ASP A 101 -6.94 29.47 19.63
N VAL A 102 -8.18 29.15 19.29
CA VAL A 102 -9.13 30.14 18.78
C VAL A 102 -10.37 30.07 19.65
N ASP A 103 -10.64 31.17 20.37
CA ASP A 103 -11.74 31.28 21.34
CA ASP A 103 -11.74 31.26 21.31
C ASP A 103 -11.71 30.13 22.34
N GLY A 104 -10.53 29.59 22.64
CA GLY A 104 -10.40 28.48 23.57
C GLY A 104 -10.59 27.12 22.95
N ASN A 105 -10.84 27.07 21.64
CA ASN A 105 -10.90 25.78 20.95
C ASN A 105 -9.62 25.48 20.20
N PRO A 106 -9.31 24.19 20.07
CA PRO A 106 -8.15 23.81 19.23
C PRO A 106 -8.54 23.94 17.78
N VAL A 107 -7.61 24.46 16.99
CA VAL A 107 -7.82 24.68 15.56
C VAL A 107 -6.49 24.29 14.88
N ILE A 108 -6.58 23.65 13.72
CA ILE A 108 -5.41 23.16 13.05
C ILE A 108 -5.07 24.22 12.03
N GLU A 109 -3.79 24.54 11.88
CA GLU A 109 -3.33 25.57 10.94
C GLU A 109 -2.35 24.91 10.00
N VAL A 110 -2.52 25.11 8.70
CA VAL A 110 -1.67 24.48 7.70
C VAL A 110 -1.46 25.38 6.51
N GLN A 111 -0.46 25.04 5.71
CA GLN A 111 -0.38 25.58 4.37
C GLN A 111 -1.09 24.70 3.36
N TYR A 112 -1.88 25.36 2.53
CA TYR A 112 -2.69 24.72 1.52
C TYR A 112 -2.83 25.67 0.32
N LEU A 113 -2.37 25.21 -0.84
CA LEU A 113 -2.31 26.03 -2.05
C LEU A 113 -1.56 27.32 -1.81
N GLU A 114 -0.46 27.23 -1.06
CA GLU A 114 0.44 28.32 -0.71
C GLU A 114 -0.16 29.46 0.13
N GLU A 115 -1.23 29.12 0.85
CA GLU A 115 -1.90 30.01 1.78
C GLU A 115 -2.07 29.30 3.12
N THR A 116 -2.06 30.10 4.20
CA THR A 116 -2.36 29.63 5.51
C THR A 116 -3.84 29.47 5.66
N LYS A 117 -4.29 28.32 6.12
CA LYS A 117 -5.71 28.07 6.35
C LYS A 117 -5.82 27.38 7.69
N THR A 118 -6.96 27.51 8.32
CA THR A 118 -7.23 26.84 9.56
C THR A 118 -8.53 26.04 9.50
N PHE A 119 -8.57 24.94 10.26
CA PHE A 119 -9.68 24.00 10.25
C PHE A 119 -9.96 23.57 11.66
N SER A 120 -11.22 23.52 12.04
CA SER A 120 -11.61 22.84 13.24
C SER A 120 -11.40 21.34 13.07
N PRO A 121 -11.38 20.63 14.21
CA PRO A 121 -11.34 19.20 14.21
C PRO A 121 -12.55 18.61 13.50
N GLN A 122 -13.72 19.22 13.70
CA GLN A 122 -14.94 18.76 13.03
C GLN A 122 -14.77 18.94 11.51
N GLU A 123 -14.09 20.00 11.07
CA GLU A 123 -13.92 20.20 9.61
C GLU A 123 -13.02 19.15 9.04
N ILE A 124 -11.99 18.82 9.78
CA ILE A 124 -11.04 17.76 9.33
C ILE A 124 -11.76 16.40 9.27
N SER A 125 -12.43 16.04 10.36
CA SER A 125 -13.23 14.81 10.39
C SER A 125 -14.33 14.74 9.31
N ALA A 126 -14.94 15.87 9.00
CA ALA A 126 -15.93 15.98 7.90
C ALA A 126 -15.27 15.58 6.57
N MET A 127 -14.00 15.96 6.36
CA MET A 127 -13.27 15.63 5.11
C MET A 127 -13.04 14.11 5.03
N VAL A 128 -12.63 13.52 6.13
CA VAL A 128 -12.57 12.04 6.22
C VAL A 128 -13.96 11.39 5.99
N LEU A 129 -14.99 11.91 6.61
CA LEU A 129 -16.32 11.36 6.46
C LEU A 129 -16.79 11.50 5.02
N THR A 130 -16.49 12.63 4.39
CA THR A 130 -16.78 12.78 2.95
C THR A 130 -16.10 11.72 2.11
N LYS A 131 -14.83 11.47 2.39
CA LYS A 131 -14.12 10.40 1.74
C LYS A 131 -14.86 9.05 1.93
N MET A 132 -15.20 8.70 3.16
CA MET A 132 -15.97 7.46 3.42
C MET A 132 -17.29 7.38 2.68
N LYS A 133 -17.99 8.50 2.64
CA LYS A 133 -19.20 8.60 1.87
C LYS A 133 -18.94 8.29 0.40
N GLU A 134 -17.93 8.94 -0.17
CA GLU A 134 -17.60 8.74 -1.58
C GLU A 134 -17.15 7.31 -1.93
N ILE A 135 -16.40 6.71 -1.03
CA ILE A 135 -16.03 5.30 -1.16
C ILE A 135 -17.29 4.42 -1.28
N ALA A 136 -18.24 4.64 -0.36
CA ALA A 136 -19.52 3.93 -0.37
C ALA A 136 -20.33 4.20 -1.65
N GLU A 137 -20.42 5.45 -2.04
CA GLU A 137 -21.13 5.82 -3.28
C GLU A 137 -20.62 5.09 -4.56
N ALA A 138 -19.30 4.94 -4.66
CA ALA A 138 -18.64 4.31 -5.80
C ALA A 138 -19.01 2.84 -5.93
N LYS A 139 -19.17 2.19 -4.81
CA LYS A 139 -19.60 0.80 -4.80
C LYS A 139 -21.10 0.61 -4.86
N ILE A 140 -21.87 1.59 -4.36
CA ILE A 140 -23.31 1.46 -4.36
C ILE A 140 -23.86 1.88 -5.74
N GLY A 141 -23.19 2.74 -6.46
CA GLY A 141 -23.74 3.34 -7.68
C GLY A 141 -24.85 4.35 -7.47
N LYS A 142 -24.98 4.84 -6.24
CA LYS A 142 -26.00 5.82 -5.87
C LYS A 142 -25.42 6.83 -4.90
N LYS A 143 -26.06 7.99 -4.82
CA LYS A 143 -25.73 9.00 -3.82
C LYS A 143 -26.17 8.58 -2.41
N VAL A 144 -25.37 8.92 -1.42
CA VAL A 144 -25.64 8.52 -0.01
C VAL A 144 -26.01 9.79 0.74
N GLU A 145 -27.08 9.77 1.50
CA GLU A 145 -27.54 10.92 2.21
C GLU A 145 -27.60 10.67 3.72
N LYS A 146 -27.65 9.39 4.12
CA LYS A 146 -27.92 9.01 5.52
C LYS A 146 -26.81 8.12 6.05
N ALA A 147 -26.46 8.31 7.31
CA ALA A 147 -25.41 7.53 7.96
C ALA A 147 -25.63 7.28 9.44
N VAL A 148 -25.02 6.22 9.94
CA VAL A 148 -24.88 5.96 11.37
C VAL A 148 -23.38 6.04 11.64
N ILE A 149 -22.94 6.90 12.58
CA ILE A 149 -21.52 7.03 12.86
C ILE A 149 -21.25 6.58 14.28
N THR A 150 -20.13 5.94 14.50
CA THR A 150 -19.83 5.41 15.82
C THR A 150 -18.81 6.33 16.53
N VAL A 151 -18.84 6.30 17.85
CA VAL A 151 -17.90 7.01 18.69
C VAL A 151 -17.57 6.14 19.94
N PRO A 152 -16.42 6.39 20.55
CA PRO A 152 -16.10 5.61 21.75
C PRO A 152 -17.17 5.81 22.85
N ALA A 153 -17.35 4.79 23.70
CA ALA A 153 -18.38 4.88 24.72
C ALA A 153 -18.09 6.01 25.74
N TYR A 154 -16.83 6.38 25.90
CA TYR A 154 -16.47 7.38 26.90
C TYR A 154 -16.66 8.78 26.35
N PHE A 155 -17.05 8.93 25.08
CA PHE A 155 -17.30 10.23 24.55
C PHE A 155 -18.42 10.95 25.30
N ASN A 156 -18.20 12.22 25.57
CA ASN A 156 -19.19 13.04 26.31
C ASN A 156 -20.09 13.75 25.31
N ASP A 157 -20.99 14.59 25.79
CA ASP A 157 -21.99 15.23 24.91
C ASP A 157 -21.39 16.19 23.89
N ALA A 158 -20.38 16.95 24.27
CA ALA A 158 -19.68 17.84 23.30
C ALA A 158 -18.98 17.02 22.19
N GLN A 159 -18.25 15.97 22.58
CA GLN A 159 -17.58 15.08 21.61
C GLN A 159 -18.57 14.42 20.63
N ARG A 160 -19.73 14.01 21.14
CA ARG A 160 -20.79 13.45 20.33
C ARG A 160 -21.38 14.45 19.38
N GLN A 161 -21.76 15.62 19.87
CA GLN A 161 -22.28 16.67 19.02
C GLN A 161 -21.29 17.11 17.92
N ALA A 162 -20.02 17.22 18.26
CA ALA A 162 -19.01 17.68 17.34
C ALA A 162 -18.89 16.65 16.19
N THR A 163 -19.00 15.38 16.57
CA THR A 163 -19.01 14.28 15.58
C THR A 163 -20.25 14.35 14.68
N LYS A 164 -21.45 14.56 15.22
CA LYS A 164 -22.62 14.77 14.35
C LYS A 164 -22.43 15.95 13.43
N ASP A 165 -21.87 17.01 14.00
CA ASP A 165 -21.64 18.26 13.26
C ASP A 165 -20.72 17.95 12.07
N ALA A 166 -19.68 17.17 12.31
CA ALA A 166 -18.80 16.76 11.22
C ALA A 166 -19.61 16.08 10.13
N GLY A 167 -20.55 15.22 10.52
CA GLY A 167 -21.39 14.55 9.54
C GLY A 167 -22.22 15.47 8.68
N ALA A 168 -22.88 16.43 9.34
CA ALA A 168 -23.65 17.47 8.68
C ALA A 168 -22.77 18.19 7.66
N ILE A 169 -21.59 18.62 8.08
CA ILE A 169 -20.65 19.30 7.16
C ILE A 169 -20.41 18.46 5.92
N SER A 170 -20.30 17.14 6.10
CA SER A 170 -19.95 16.25 4.97
C SER A 170 -21.15 15.90 4.07
N GLY A 171 -22.30 16.52 4.32
CA GLY A 171 -23.51 16.28 3.57
C GLY A 171 -24.25 15.03 3.97
N LEU A 172 -23.99 14.49 5.18
CA LEU A 172 -24.74 13.37 5.72
C LEU A 172 -25.83 13.79 6.73
N ASN A 173 -27.01 13.21 6.59
CA ASN A 173 -28.04 13.14 7.63
C ASN A 173 -27.62 12.01 8.60
N VAL A 174 -27.05 12.40 9.75
CA VAL A 174 -26.59 11.45 10.76
C VAL A 174 -27.81 11.04 11.54
N LEU A 175 -28.29 9.83 11.28
CA LEU A 175 -29.51 9.29 11.96
C LEU A 175 -29.25 9.03 13.46
N ARG A 176 -28.08 8.49 13.76
CA ARG A 176 -27.69 8.19 15.13
C ARG A 176 -26.22 8.15 15.23
N ILE A 177 -25.76 8.62 16.38
CA ILE A 177 -24.43 8.37 16.89
C ILE A 177 -24.58 7.19 17.80
N ILE A 178 -23.88 6.09 17.49
CA ILE A 178 -23.88 4.95 18.42
C ILE A 178 -22.51 4.62 19.00
N ASN A 179 -22.48 3.98 20.16
CA ASN A 179 -21.22 3.64 20.80
C ASN A 179 -20.49 2.54 20.05
N GLU A 180 -19.19 2.68 19.90
CA GLU A 180 -18.35 1.66 19.25
C GLU A 180 -18.60 0.25 19.78
N PRO A 181 -18.55 0.05 21.12
CA PRO A 181 -18.81 -1.29 21.64
C PRO A 181 -20.20 -1.80 21.33
N THR A 182 -21.17 -0.90 21.40
CA THR A 182 -22.55 -1.29 21.07
C THR A 182 -22.67 -1.77 19.62
N ALA A 183 -22.00 -1.05 18.69
CA ALA A 183 -21.99 -1.42 17.27
C ALA A 183 -21.47 -2.86 17.06
N ALA A 184 -20.38 -3.17 17.75
CA ALA A 184 -19.73 -4.47 17.68
C ALA A 184 -20.72 -5.58 18.14
N ALA A 185 -21.41 -5.34 19.26
CA ALA A 185 -22.49 -6.25 19.71
C ALA A 185 -23.61 -6.42 18.71
N ILE A 186 -24.05 -5.31 18.11
CA ILE A 186 -25.09 -5.34 17.05
C ILE A 186 -24.59 -6.14 15.84
N ALA A 187 -23.30 -6.00 15.55
CA ALA A 187 -22.72 -6.73 14.43
C ALA A 187 -22.98 -8.23 14.64
N TYR A 188 -22.78 -8.71 15.87
CA TYR A 188 -22.99 -10.13 16.20
C TYR A 188 -24.45 -10.48 16.49
N GLY A 189 -25.35 -9.53 16.27
CA GLY A 189 -26.76 -9.81 16.46
C GLY A 189 -27.22 -10.02 17.87
N LEU A 190 -26.43 -9.57 18.85
CA LEU A 190 -26.70 -9.80 20.25
C LEU A 190 -27.76 -8.81 20.68
N GLY A 191 -28.93 -9.29 21.09
CA GLY A 191 -30.09 -8.42 21.35
C GLY A 191 -30.98 -8.13 20.15
N ALA A 192 -30.68 -8.76 19.02
CA ALA A 192 -31.41 -8.52 17.78
C ALA A 192 -32.88 -8.91 17.88
N GLY A 193 -33.17 -9.99 18.61
CA GLY A 193 -34.55 -10.44 18.83
C GLY A 193 -35.40 -9.35 19.46
N LYS A 194 -34.73 -8.51 20.27
CA LYS A 194 -35.38 -7.49 21.08
C LYS A 194 -36.20 -8.24 22.11
N SER A 195 -35.67 -9.37 22.57
CA SER A 195 -36.36 -10.18 23.56
C SER A 195 -35.99 -9.67 24.93
N GLU A 196 -36.81 -10.03 25.90
CA GLU A 196 -36.67 -9.53 27.26
C GLU A 196 -35.73 -10.42 28.07
N LYS A 197 -35.29 -11.54 27.49
CA LYS A 197 -34.18 -12.28 28.05
C LYS A 197 -32.93 -11.43 27.98
N GLU A 198 -32.33 -11.10 29.12
CA GLU A 198 -31.19 -10.19 29.14
C GLU A 198 -29.87 -10.89 28.92
N ARG A 199 -28.87 -10.09 28.55
CA ARG A 199 -27.49 -10.52 28.38
CA ARG A 199 -27.50 -10.56 28.55
C ARG A 199 -26.47 -9.47 28.92
N HIS A 200 -25.29 -9.93 29.31
CA HIS A 200 -24.19 -9.04 29.65
C HIS A 200 -23.09 -9.44 28.71
N VAL A 201 -22.46 -8.45 28.10
CA VAL A 201 -21.52 -8.70 27.00
C VAL A 201 -20.34 -7.80 27.21
N LEU A 202 -19.13 -8.40 27.15
CA LEU A 202 -17.90 -7.66 27.33
C LEU A 202 -17.27 -7.44 25.96
N ILE A 203 -16.96 -6.19 25.65
CA ILE A 203 -16.30 -5.85 24.36
C ILE A 203 -14.87 -5.58 24.68
N PHE A 204 -13.97 -6.34 24.08
CA PHE A 204 -12.50 -6.21 24.24
C PHE A 204 -11.95 -5.69 22.92
N ASP A 205 -11.57 -4.42 22.92
CA ASP A 205 -11.25 -3.72 21.67
C ASP A 205 -9.79 -3.20 21.74
N LEU A 206 -8.88 -3.97 21.19
CA LEU A 206 -7.47 -3.63 21.18
C LEU A 206 -7.11 -3.21 19.75
N GLY A 207 -7.14 -1.89 19.55
CA GLY A 207 -6.82 -1.24 18.26
C GLY A 207 -5.32 -1.08 18.07
N GLY A 208 -4.91 -0.53 16.93
CA GLY A 208 -3.53 -0.20 16.69
C GLY A 208 -2.94 0.81 17.66
N GLY A 209 -3.75 1.74 18.14
CA GLY A 209 -3.26 2.79 19.04
C GLY A 209 -4.14 3.03 20.25
N THR A 210 -5.15 2.19 20.42
CA THR A 210 -6.16 2.35 21.46
C THR A 210 -6.49 0.98 22.05
N PHE A 211 -6.87 0.96 23.33
CA PHE A 211 -7.38 -0.25 23.98
C PHE A 211 -8.60 0.14 24.81
N ASP A 212 -9.78 -0.33 24.41
CA ASP A 212 -11.01 -0.03 25.11
C ASP A 212 -11.76 -1.31 25.50
N VAL A 213 -12.12 -1.37 26.78
CA VAL A 213 -12.97 -2.44 27.31
C VAL A 213 -14.28 -1.88 27.86
N SER A 214 -15.40 -2.49 27.46
CA SER A 214 -16.71 -1.99 27.80
C SER A 214 -17.62 -3.16 28.18
N LEU A 215 -18.46 -2.93 29.20
CA LEU A 215 -19.44 -3.91 29.63
C LEU A 215 -20.81 -3.37 29.28
N LEU A 216 -21.54 -4.16 28.49
CA LEU A 216 -22.89 -3.86 28.04
C LEU A 216 -23.92 -4.75 28.75
N HIS A 217 -25.01 -4.14 29.15
CA HIS A 217 -26.24 -4.84 29.47
C HIS A 217 -27.17 -4.64 28.30
N ILE A 218 -27.75 -5.73 27.82
CA ILE A 218 -28.68 -5.68 26.69
C ILE A 218 -29.99 -6.40 27.07
N ALA A 219 -31.11 -5.73 26.90
CA ALA A 219 -32.40 -6.36 27.10
C ALA A 219 -33.45 -5.55 26.37
N GLY A 220 -34.38 -6.26 25.75
CA GLY A 220 -35.53 -5.67 25.11
C GLY A 220 -35.24 -4.64 24.04
N GLY A 221 -34.07 -4.74 23.42
CA GLY A 221 -33.65 -3.82 22.39
C GLY A 221 -32.82 -2.66 22.91
N VAL A 222 -32.58 -2.56 24.21
CA VAL A 222 -31.81 -1.44 24.81
C VAL A 222 -30.39 -1.85 25.24
N TYR A 223 -29.38 -1.18 24.68
CA TYR A 223 -27.97 -1.50 24.90
C TYR A 223 -27.40 -0.50 25.90
N THR A 224 -27.13 -0.93 27.13
CA THR A 224 -26.70 -0.01 28.19
C THR A 224 -25.25 -0.27 28.53
N VAL A 225 -24.42 0.77 28.45
CA VAL A 225 -23.01 0.66 28.79
C VAL A 225 -22.91 0.74 30.31
N LYS A 226 -22.60 -0.35 30.95
CA LYS A 226 -22.53 -0.35 32.43
C LYS A 226 -21.22 0.21 32.95
N SER A 227 -20.14 -0.02 32.23
CA SER A 227 -18.84 0.38 32.67
CA SER A 227 -18.82 0.38 32.68
C SER A 227 -17.83 0.34 31.52
N THR A 228 -16.77 1.09 31.66
CA THR A 228 -15.87 1.27 30.55
C THR A 228 -14.47 1.49 31.12
N SER A 229 -13.46 0.95 30.45
CA SER A 229 -12.06 1.12 30.87
C SER A 229 -11.08 0.84 29.76
N GLY A 230 -9.84 1.21 29.98
CA GLY A 230 -8.84 0.96 28.95
C GLY A 230 -7.57 1.76 29.08
N ASN A 231 -6.75 1.62 28.06
CA ASN A 231 -5.51 2.34 27.92
C ASN A 231 -5.66 3.13 26.62
N THR A 232 -5.88 4.44 26.68
CA THR A 232 -6.10 5.24 25.47
C THR A 232 -4.92 5.02 24.54
N HIS A 233 -3.71 5.19 25.07
CA HIS A 233 -2.49 5.19 24.27
C HIS A 233 -1.74 3.83 24.15
N LEU A 234 -2.26 2.71 24.67
CA LEU A 234 -1.70 1.36 24.33
C LEU A 234 -2.46 0.67 23.22
N GLY A 235 -1.74 -0.03 22.35
CA GLY A 235 -2.37 -0.68 21.18
C GLY A 235 -1.45 -1.62 20.41
N GLY A 236 -1.95 -2.17 19.32
CA GLY A 236 -1.22 -3.14 18.52
C GLY A 236 0.14 -2.69 18.04
N GLN A 237 0.26 -1.42 17.65
CA GLN A 237 1.55 -0.90 17.19
C GLN A 237 2.63 -1.07 18.29
N ASP A 238 2.22 -1.15 19.55
CA ASP A 238 3.20 -1.32 20.64
C ASP A 238 3.85 -2.69 20.60
N PHE A 239 3.08 -3.67 20.16
CA PHE A 239 3.67 -5.00 19.95
C PHE A 239 4.71 -4.97 18.86
N ASP A 240 4.41 -4.27 17.76
CA ASP A 240 5.36 -4.13 16.66
C ASP A 240 6.65 -3.45 17.17
N THR A 241 6.48 -2.42 17.98
CA THR A 241 7.61 -1.63 18.44
C THR A 241 8.61 -2.49 19.23
N ASN A 242 8.10 -3.39 20.05
CA ASN A 242 8.99 -4.27 20.83
C ASN A 242 9.76 -5.25 19.92
N LEU A 243 9.10 -5.74 18.87
CA LEU A 243 9.77 -6.60 17.94
CA LEU A 243 9.74 -6.60 17.88
C LEU A 243 10.81 -5.82 17.13
N LEU A 244 10.45 -4.59 16.72
CA LEU A 244 11.38 -3.71 15.99
C LEU A 244 12.69 -3.51 16.76
N GLU A 245 12.59 -3.21 18.05
CA GLU A 245 13.77 -2.94 18.89
C GLU A 245 14.63 -4.18 19.03
N HIS A 246 13.97 -5.32 19.21
CA HIS A 246 14.64 -6.62 19.22
C HIS A 246 15.45 -6.84 17.93
N PHE A 247 14.85 -6.53 16.77
CA PHE A 247 15.52 -6.69 15.50
C PHE A 247 16.62 -5.70 15.28
N LYS A 248 16.40 -4.44 15.67
CA LYS A 248 17.44 -3.45 15.59
C LYS A 248 18.65 -3.92 16.39
N ALA A 249 18.43 -4.36 17.63
CA ALA A 249 19.50 -4.86 18.49
C ALA A 249 20.30 -5.98 17.85
N GLU A 250 19.60 -6.98 17.33
CA GLU A 250 20.24 -8.07 16.62
C GLU A 250 21.11 -7.61 15.46
N PHE A 251 20.57 -6.69 14.68
CA PHE A 251 21.25 -6.25 13.50
C PHE A 251 22.50 -5.51 13.91
N LYS A 252 22.40 -4.64 14.89
CA LYS A 252 23.55 -3.85 15.30
C LYS A 252 24.65 -4.73 15.89
N LYS A 253 24.21 -5.74 16.61
CA LYS A 253 25.10 -6.74 17.18
C LYS A 253 25.87 -7.56 16.16
N LYS A 254 25.22 -7.97 15.06
CA LYS A 254 25.93 -8.77 14.04
CA LYS A 254 25.91 -8.76 14.04
C LYS A 254 26.78 -7.87 13.16
N THR A 255 26.27 -6.71 12.78
CA THR A 255 26.94 -5.86 11.77
C THR A 255 27.63 -4.54 12.22
N GLY A 256 27.42 -4.15 13.47
CA GLY A 256 27.91 -2.86 13.95
C GLY A 256 27.13 -1.65 13.47
N LEU A 257 26.07 -1.87 12.69
CA LEU A 257 25.27 -0.78 12.11
C LEU A 257 24.04 -0.41 12.98
N ASP A 258 23.83 0.88 13.18
CA ASP A 258 22.65 1.44 13.88
C ASP A 258 21.82 2.12 12.81
N ILE A 259 20.60 1.66 12.61
CA ILE A 259 19.74 2.23 11.56
C ILE A 259 18.84 3.34 12.13
N SER A 260 19.09 3.77 13.37
CA SER A 260 18.17 4.67 14.06
C SER A 260 17.86 5.98 13.33
N ASP A 261 18.81 6.48 12.57
CA ASP A 261 18.68 7.75 11.88
C ASP A 261 18.32 7.63 10.38
N ASP A 262 18.00 6.42 9.92
CA ASP A 262 17.61 6.14 8.53
C ASP A 262 16.13 5.74 8.53
N ALA A 263 15.30 6.72 8.21
CA ALA A 263 13.87 6.56 8.25
C ALA A 263 13.42 5.42 7.37
N ARG A 264 14.04 5.25 6.20
CA ARG A 264 13.67 4.18 5.26
CA ARG A 264 13.64 4.19 5.28
C ARG A 264 13.96 2.79 5.85
N ALA A 265 15.19 2.60 6.34
CA ALA A 265 15.61 1.38 7.02
C ALA A 265 14.68 1.02 8.19
N LEU A 266 14.35 2.02 9.03
CA LEU A 266 13.39 1.82 10.12
C LEU A 266 12.03 1.40 9.63
N ARG A 267 11.58 2.05 8.55
CA ARG A 267 10.29 1.73 7.97
CA ARG A 267 10.29 1.74 7.95
C ARG A 267 10.27 0.28 7.46
N ARG A 268 11.30 -0.12 6.73
CA ARG A 268 11.32 -1.47 6.16
C ARG A 268 11.40 -2.51 7.27
N LEU A 269 12.15 -2.22 8.33
CA LEU A 269 12.29 -3.18 9.40
C LEU A 269 11.00 -3.27 10.22
N ARG A 270 10.30 -2.16 10.41
CA ARG A 270 9.00 -2.21 11.12
C ARG A 270 7.98 -2.97 10.27
N THR A 271 8.03 -2.76 8.96
CA THR A 271 7.22 -3.60 8.08
C THR A 271 7.50 -5.10 8.24
N ALA A 272 8.77 -5.49 8.29
CA ALA A 272 9.13 -6.87 8.52
C ALA A 272 8.54 -7.39 9.84
N ALA A 273 8.53 -6.54 10.86
CA ALA A 273 8.09 -6.94 12.20
C ALA A 273 6.60 -7.09 12.27
N GLU A 274 5.89 -6.22 11.56
CA GLU A 274 4.45 -6.26 11.48
C GLU A 274 4.03 -7.57 10.78
N ARG A 275 4.75 -7.88 9.71
CA ARG A 275 4.52 -9.10 8.93
C ARG A 275 4.85 -10.35 9.77
N ALA A 276 5.90 -10.24 10.54
CA ALA A 276 6.32 -11.38 11.36
C ALA A 276 5.28 -11.65 12.46
N LYS A 277 4.85 -10.60 13.15
CA LYS A 277 3.72 -10.71 14.05
C LYS A 277 2.49 -11.41 13.44
N ARG A 278 2.13 -11.02 12.25
CA ARG A 278 0.91 -11.59 11.65
C ARG A 278 1.13 -13.07 11.32
N THR A 279 2.28 -13.40 10.78
CA THR A 279 2.59 -14.77 10.45
C THR A 279 2.43 -15.65 11.68
N LEU A 280 2.95 -15.14 12.82
CA LEU A 280 2.96 -15.83 14.10
C LEU A 280 1.60 -15.94 14.78
N SER A 281 0.60 -15.27 14.26
CA SER A 281 -0.79 -15.58 14.63
C SER A 281 -1.36 -16.84 13.94
N SER A 282 -0.67 -17.30 12.91
CA SER A 282 -1.12 -18.47 12.15
C SER A 282 -0.20 -19.65 12.32
N VAL A 283 1.10 -19.38 12.38
CA VAL A 283 2.08 -20.44 12.58
C VAL A 283 2.98 -20.09 13.73
N THR A 284 3.91 -21.00 14.06
CA THR A 284 4.70 -20.85 15.30
C THR A 284 6.14 -20.46 15.10
N GLN A 285 6.61 -20.37 13.85
CA GLN A 285 7.94 -19.92 13.60
C GLN A 285 7.99 -19.30 12.20
N THR A 286 8.89 -18.32 12.02
CA THR A 286 9.13 -17.63 10.73
C THR A 286 10.53 -17.05 10.68
N THR A 287 11.12 -17.05 9.48
CA THR A 287 12.29 -16.23 9.17
C THR A 287 11.78 -14.80 9.06
N VAL A 288 12.67 -13.83 9.29
CA VAL A 288 12.38 -12.42 9.11
C VAL A 288 13.56 -11.88 8.30
N GLU A 289 13.28 -11.32 7.14
CA GLU A 289 14.30 -10.84 6.21
C GLU A 289 14.02 -9.47 5.69
N VAL A 290 15.07 -8.66 5.59
CA VAL A 290 15.04 -7.42 4.83
C VAL A 290 16.29 -7.35 3.96
N ASP A 291 16.06 -7.28 2.65
CA ASP A 291 17.18 -7.35 1.73
C ASP A 291 17.84 -5.97 1.72
N SER A 292 19.16 -5.95 1.84
CA SER A 292 19.94 -4.73 1.80
C SER A 292 19.37 -3.69 2.75
N LEU A 293 19.25 -4.07 4.04
CA LEU A 293 18.66 -3.17 5.01
C LEU A 293 19.44 -1.88 5.18
N PHE A 294 20.75 -1.99 5.31
CA PHE A 294 21.55 -0.78 5.58
C PHE A 294 23.00 -1.02 5.19
N ASP A 295 23.62 -0.05 4.52
CA ASP A 295 25.05 -0.12 4.12
C ASP A 295 25.38 -1.45 3.47
N GLY A 296 24.51 -1.90 2.56
CA GLY A 296 24.72 -3.12 1.85
C GLY A 296 24.36 -4.41 2.58
N GLU A 297 24.13 -4.35 3.88
CA GLU A 297 23.91 -5.56 4.69
C GLU A 297 22.44 -5.98 4.71
N ASP A 298 22.23 -7.25 4.34
CA ASP A 298 20.96 -7.94 4.51
C ASP A 298 20.66 -8.17 5.96
N PHE A 299 19.40 -8.06 6.30
CA PHE A 299 18.90 -8.46 7.59
C PHE A 299 18.27 -9.86 7.46
N GLU A 300 18.68 -10.77 8.34
CA GLU A 300 18.02 -12.07 8.46
C GLU A 300 18.01 -12.56 9.91
N SER A 301 16.83 -12.95 10.38
CA SER A 301 16.65 -13.48 11.72
C SER A 301 15.53 -14.53 11.65
N SER A 302 15.21 -15.06 12.82
CA SER A 302 14.03 -15.84 12.96
C SER A 302 13.36 -15.61 14.29
N LEU A 303 12.11 -15.99 14.35
CA LEU A 303 11.34 -15.66 15.48
C LEU A 303 10.30 -16.77 15.67
N THR A 304 10.19 -17.25 16.91
CA THR A 304 9.13 -18.17 17.28
C THR A 304 7.95 -17.42 17.95
N ARG A 305 6.77 -18.05 17.94
CA ARG A 305 5.62 -17.52 18.66
C ARG A 305 5.98 -17.30 20.13
N ALA A 306 6.68 -18.28 20.71
CA ALA A 306 7.10 -18.20 22.10
C ALA A 306 7.96 -16.99 22.36
N ARG A 307 8.93 -16.74 21.50
CA ARG A 307 9.79 -15.60 21.68
C ARG A 307 9.00 -14.30 21.49
N PHE A 308 8.11 -14.26 20.51
CA PHE A 308 7.25 -13.09 20.28
C PHE A 308 6.44 -12.76 21.54
N GLU A 309 5.88 -13.80 22.14
CA GLU A 309 5.16 -13.66 23.39
C GLU A 309 6.02 -13.15 24.54
N ASP A 310 7.21 -13.73 24.71
CA ASP A 310 8.09 -13.26 25.77
C ASP A 310 8.43 -11.80 25.58
N LEU A 311 8.66 -11.39 24.34
CA LEU A 311 9.07 -10.01 24.04
C LEU A 311 7.96 -9.01 24.42
N ASN A 312 6.74 -9.49 24.47
CA ASN A 312 5.62 -8.66 24.83
C ASN A 312 4.92 -9.13 26.11
N ALA A 313 5.64 -9.87 26.95
CA ALA A 313 5.07 -10.45 28.19
C ALA A 313 4.20 -9.46 28.98
N ALA A 314 4.79 -8.34 29.38
CA ALA A 314 4.14 -7.41 30.32
C ALA A 314 2.88 -6.77 29.69
N LEU A 315 3.05 -6.33 28.45
CA LEU A 315 1.98 -5.74 27.70
C LEU A 315 0.78 -6.67 27.62
N PHE A 316 1.02 -7.90 27.22
CA PHE A 316 -0.10 -8.81 27.03
C PHE A 316 -0.88 -9.01 28.33
N LYS A 317 -0.13 -9.32 29.37
CA LYS A 317 -0.66 -9.46 30.70
C LYS A 317 -1.47 -8.26 31.14
N SER A 318 -0.96 -7.06 30.86
CA SER A 318 -1.64 -5.83 31.22
C SER A 318 -3.02 -5.73 30.59
N THR A 319 -3.32 -6.49 29.53
CA THR A 319 -4.64 -6.32 28.90
C THR A 319 -5.79 -6.82 29.80
N LEU A 320 -5.51 -7.72 30.76
CA LEU A 320 -6.56 -8.23 31.68
C LEU A 320 -6.98 -7.21 32.72
N GLU A 321 -6.16 -6.20 32.97
CA GLU A 321 -6.48 -5.22 34.00
C GLU A 321 -7.82 -4.51 33.79
N PRO A 322 -8.06 -3.99 32.57
CA PRO A 322 -9.30 -3.28 32.36
C PRO A 322 -10.54 -4.17 32.30
N VAL A 323 -10.36 -5.44 31.98
CA VAL A 323 -11.44 -6.39 32.04
C VAL A 323 -11.88 -6.52 33.53
N GLU A 324 -10.90 -6.69 34.40
CA GLU A 324 -11.16 -6.77 35.85
C GLU A 324 -11.77 -5.50 36.39
N GLN A 325 -11.29 -4.34 35.92
CA GLN A 325 -11.81 -3.07 36.38
C GLN A 325 -13.30 -2.88 36.03
N VAL A 326 -13.65 -3.20 34.79
CA VAL A 326 -14.98 -3.04 34.25
C VAL A 326 -16.02 -3.89 35.05
N LEU A 327 -15.69 -5.15 35.29
CA LEU A 327 -16.46 -6.04 36.18
C LEU A 327 -16.54 -5.47 37.60
N LYS A 328 -15.38 -5.17 38.17
CA LYS A 328 -15.36 -4.56 39.50
C LYS A 328 -16.30 -3.35 39.53
N ASP A 329 -16.08 -2.40 38.62
CA ASP A 329 -16.88 -1.17 38.59
C ASP A 329 -18.38 -1.43 38.36
N ALA A 330 -18.75 -2.35 37.47
CA ALA A 330 -20.16 -2.66 37.23
C ALA A 330 -20.80 -3.56 38.30
N LYS A 331 -19.98 -4.12 39.20
CA LYS A 331 -20.45 -5.04 40.24
C LYS A 331 -21.10 -6.27 39.59
N ILE A 332 -20.40 -6.81 38.60
CA ILE A 332 -20.84 -7.94 37.81
C ILE A 332 -19.64 -8.88 37.84
N SER A 333 -19.93 -10.16 38.09
CA SER A 333 -18.90 -11.19 38.15
C SER A 333 -18.68 -11.79 36.77
N LYS A 334 -17.47 -12.30 36.56
CA LYS A 334 -17.10 -12.83 35.26
C LYS A 334 -18.06 -13.94 34.79
N SER A 335 -18.65 -14.70 35.74
CA SER A 335 -19.61 -15.78 35.43
CA SER A 335 -19.60 -15.79 35.39
C SER A 335 -20.92 -15.28 34.79
N GLN A 336 -21.34 -14.04 35.13
CA GLN A 336 -22.52 -13.41 34.51
C GLN A 336 -22.30 -12.94 33.03
N ILE A 337 -21.08 -12.95 32.55
CA ILE A 337 -20.77 -12.49 31.18
C ILE A 337 -21.19 -13.51 30.13
N ASP A 338 -22.02 -13.09 29.19
CA ASP A 338 -22.60 -14.01 28.21
C ASP A 338 -21.80 -14.13 26.92
N GLU A 339 -21.26 -13.02 26.43
CA GLU A 339 -20.42 -13.02 25.23
C GLU A 339 -19.26 -12.14 25.47
N VAL A 340 -18.11 -12.56 24.94
CA VAL A 340 -16.90 -11.74 24.89
C VAL A 340 -16.57 -11.54 23.39
N VAL A 341 -16.61 -10.29 22.97
CA VAL A 341 -16.50 -9.89 21.57
C VAL A 341 -15.15 -9.22 21.37
N LEU A 342 -14.41 -9.70 20.37
CA LEU A 342 -13.08 -9.23 20.08
C LEU A 342 -13.13 -8.17 18.97
N VAL A 343 -12.49 -7.03 19.19
CA VAL A 343 -12.46 -5.93 18.21
C VAL A 343 -11.02 -5.46 18.13
N GLY A 344 -10.56 -5.09 16.91
CA GLY A 344 -9.18 -4.71 16.70
C GLY A 344 -8.26 -5.83 16.28
N GLY A 345 -7.43 -5.57 15.27
CA GLY A 345 -6.57 -6.55 14.66
C GLY A 345 -5.69 -7.35 15.63
N SER A 346 -5.27 -6.69 16.69
CA SER A 346 -4.38 -7.27 17.67
C SER A 346 -5.04 -8.42 18.44
N THR A 347 -6.38 -8.45 18.50
CA THR A 347 -7.09 -9.56 19.11
C THR A 347 -6.90 -10.89 18.36
N ARG A 348 -6.27 -10.87 17.19
CA ARG A 348 -5.97 -12.12 16.50
C ARG A 348 -4.76 -12.82 17.09
N ILE A 349 -4.01 -12.14 17.97
CA ILE A 349 -2.81 -12.72 18.51
C ILE A 349 -3.22 -13.89 19.46
N PRO A 350 -2.73 -15.12 19.19
CA PRO A 350 -3.19 -16.29 19.97
C PRO A 350 -3.06 -16.11 21.49
N LYS A 351 -1.98 -15.53 21.94
CA LYS A 351 -1.78 -15.32 23.39
C LYS A 351 -2.86 -14.42 24.00
N VAL A 352 -3.27 -13.40 23.24
CA VAL A 352 -4.27 -12.49 23.72
C VAL A 352 -5.58 -13.22 23.84
N GLN A 353 -5.90 -14.07 22.89
CA GLN A 353 -7.12 -14.85 22.98
C GLN A 353 -7.04 -15.84 24.15
N LYS A 354 -5.86 -16.42 24.34
CA LYS A 354 -5.70 -17.40 25.37
C LYS A 354 -5.83 -16.77 26.76
N LEU A 355 -5.15 -15.65 27.03
CA LEU A 355 -5.22 -14.98 28.33
C LEU A 355 -6.66 -14.67 28.63
N LEU A 356 -7.39 -14.22 27.63
CA LEU A 356 -8.76 -13.81 27.80
C LEU A 356 -9.72 -15.02 27.99
N SER A 357 -9.54 -16.05 27.18
CA SER A 357 -10.39 -17.22 27.29
C SER A 357 -10.15 -17.91 28.65
N ASP A 358 -8.88 -18.04 29.05
CA ASP A 358 -8.51 -18.52 30.43
C ASP A 358 -9.13 -17.69 31.57
N PHE A 359 -9.14 -16.37 31.43
CA PHE A 359 -9.74 -15.55 32.47
C PHE A 359 -11.23 -15.88 32.65
N PHE A 360 -11.89 -16.20 31.53
CA PHE A 360 -13.32 -16.57 31.55
C PHE A 360 -13.50 -18.07 31.53
N ASP A 361 -12.53 -18.76 32.14
CA ASP A 361 -12.54 -20.19 32.37
C ASP A 361 -12.86 -21.01 31.14
N GLY A 362 -12.20 -20.66 30.03
CA GLY A 362 -12.32 -21.43 28.80
C GLY A 362 -13.45 -20.99 27.89
N LYS A 363 -14.13 -19.92 28.25
CA LYS A 363 -15.17 -19.38 27.35
C LYS A 363 -14.61 -19.08 25.94
N GLN A 364 -15.39 -19.43 24.92
CA GLN A 364 -15.07 -19.15 23.53
CA GLN A 364 -15.02 -19.14 23.54
C GLN A 364 -15.37 -17.69 23.25
N LEU A 365 -14.53 -17.02 22.47
CA LEU A 365 -14.69 -15.60 22.18
C LEU A 365 -15.43 -15.38 20.85
N GLU A 366 -16.22 -14.29 20.74
CA GLU A 366 -16.84 -13.97 19.44
C GLU A 366 -15.80 -13.27 18.57
N LYS A 367 -15.44 -13.91 17.48
CA LYS A 367 -14.42 -13.38 16.64
C LYS A 367 -14.63 -13.70 15.18
N SER A 368 -15.80 -14.18 14.79
CA SER A 368 -15.93 -14.59 13.42
C SER A 368 -15.97 -13.39 12.43
N ILE A 369 -16.35 -12.20 12.91
CA ILE A 369 -16.32 -11.00 12.07
C ILE A 369 -14.94 -10.38 12.13
N ASN A 370 -14.35 -10.05 11.00
CA ASN A 370 -13.06 -9.37 11.01
C ASN A 370 -13.02 -8.26 12.10
N PRO A 371 -12.07 -8.39 13.03
CA PRO A 371 -12.04 -7.50 14.16
C PRO A 371 -11.85 -6.04 13.76
N ASP A 372 -11.22 -5.76 12.61
CA ASP A 372 -11.08 -4.35 12.16
C ASP A 372 -12.33 -3.76 11.51
N GLU A 373 -13.31 -4.60 11.28
CA GLU A 373 -14.46 -4.29 10.45
C GLU A 373 -15.75 -4.38 11.27
N ALA A 374 -15.67 -4.97 12.45
CA ALA A 374 -16.88 -5.25 13.25
C ALA A 374 -17.69 -4.02 13.63
N VAL A 375 -17.00 -2.93 13.96
CA VAL A 375 -17.68 -1.70 14.37
C VAL A 375 -18.48 -1.10 13.18
N ALA A 376 -17.82 -0.93 12.05
CA ALA A 376 -18.54 -0.55 10.81
C ALA A 376 -19.69 -1.49 10.47
N TYR A 377 -19.47 -2.78 10.68
CA TYR A 377 -20.49 -3.79 10.33
C TYR A 377 -21.74 -3.55 11.17
N GLY A 378 -21.57 -3.30 12.47
CA GLY A 378 -22.72 -3.09 13.33
C GLY A 378 -23.37 -1.76 13.08
N ALA A 379 -22.59 -0.78 12.64
CA ALA A 379 -23.13 0.55 12.30
C ALA A 379 -24.02 0.40 11.08
N ALA A 380 -23.60 -0.41 10.10
CA ALA A 380 -24.42 -0.73 8.90
C ALA A 380 -25.71 -1.46 9.27
N VAL A 381 -25.61 -2.42 10.20
CA VAL A 381 -26.80 -3.12 10.73
C VAL A 381 -27.73 -2.10 11.36
N GLN A 382 -27.20 -1.20 12.16
CA GLN A 382 -28.08 -0.22 12.78
C GLN A 382 -28.69 0.69 11.74
N GLY A 383 -27.90 1.07 10.76
CA GLY A 383 -28.43 1.84 9.64
C GLY A 383 -29.61 1.22 8.92
N ALA A 384 -29.54 -0.09 8.68
CA ALA A 384 -30.67 -0.81 8.04
C ALA A 384 -31.91 -0.81 8.99
N ILE A 385 -31.70 -0.97 10.30
CA ILE A 385 -32.83 -0.91 11.23
C ILE A 385 -33.54 0.46 11.18
N LEU A 386 -32.80 1.51 10.85
CA LEU A 386 -33.35 2.84 10.95
C LEU A 386 -33.94 3.30 9.63
N THR A 387 -33.80 2.49 8.59
CA THR A 387 -34.27 2.91 7.30
C THR A 387 -35.18 1.88 6.69
N GLY B 7 11.12 30.46 -12.64
CA GLY B 7 12.58 30.14 -12.86
C GLY B 7 12.82 28.71 -13.30
N VAL B 8 13.98 28.44 -13.87
CA VAL B 8 14.20 27.20 -14.63
C VAL B 8 15.30 26.33 -14.05
N PHE B 9 15.04 25.04 -14.00
CA PHE B 9 16.01 24.07 -13.49
C PHE B 9 17.21 24.01 -14.41
N GLN B 10 18.41 24.08 -13.83
CA GLN B 10 19.65 24.04 -14.62
C GLN B 10 20.17 22.64 -15.01
N GLY B 11 19.80 21.61 -14.26
CA GLY B 11 20.29 20.27 -14.50
C GLY B 11 19.34 19.55 -15.44
N ALA B 12 19.43 18.22 -15.50
CA ALA B 12 18.58 17.40 -16.37
C ALA B 12 18.08 16.25 -15.55
N ILE B 13 16.78 16.02 -15.56
CA ILE B 13 16.24 14.91 -14.78
C ILE B 13 16.48 13.60 -15.55
N GLY B 14 16.61 12.51 -14.80
CA GLY B 14 16.69 11.20 -15.35
C GLY B 14 15.37 10.51 -15.15
N ILE B 15 14.85 9.94 -16.25
CA ILE B 15 13.56 9.30 -16.31
C ILE B 15 13.66 7.87 -16.85
N ASP B 16 13.30 6.90 -16.00
CA ASP B 16 13.09 5.52 -16.40
C ASP B 16 11.64 5.42 -16.87
N LEU B 17 11.45 5.26 -18.17
CA LEU B 17 10.14 5.12 -18.77
C LEU B 17 9.90 3.61 -18.95
N GLY B 18 9.34 2.97 -17.92
CA GLY B 18 9.21 1.51 -17.92
C GLY B 18 7.93 1.06 -18.53
N THR B 19 7.85 -0.24 -18.82
CA THR B 19 6.65 -0.82 -19.42
C THR B 19 5.46 -0.65 -18.53
N THR B 20 5.62 -0.97 -17.24
CA THR B 20 4.55 -0.96 -16.29
C THR B 20 4.61 0.23 -15.33
N TYR B 21 5.81 0.59 -14.91
CA TYR B 21 6.04 1.74 -13.98
C TYR B 21 7.15 2.64 -14.50
N SER B 22 7.09 3.92 -14.14
CA SER B 22 8.14 4.85 -14.43
C SER B 22 8.64 5.51 -13.12
N CYS B 23 9.83 6.05 -13.19
CA CYS B 23 10.58 6.61 -12.02
C CYS B 23 11.40 7.82 -12.51
N VAL B 24 11.49 8.87 -11.69
CA VAL B 24 12.22 10.11 -12.03
C VAL B 24 13.10 10.49 -10.84
N ALA B 25 14.30 10.98 -11.15
CA ALA B 25 15.33 11.30 -10.19
C ALA B 25 16.08 12.57 -10.63
N THR B 26 16.82 13.11 -9.69
CA THR B 26 17.65 14.25 -9.97
C THR B 26 18.99 14.11 -9.22
N TYR B 27 20.02 14.81 -9.73
CA TYR B 27 21.21 15.22 -8.97
C TYR B 27 21.17 16.72 -8.75
N GLU B 28 20.79 17.18 -7.58
CA GLU B 28 21.18 18.53 -7.20
C GLU B 28 22.43 18.22 -6.38
N SER B 29 22.30 18.24 -5.05
CA SER B 29 23.45 18.01 -4.16
C SER B 29 23.86 16.54 -4.18
N SER B 30 22.89 15.66 -4.39
CA SER B 30 23.19 14.23 -4.59
C SER B 30 21.99 13.57 -5.26
N VAL B 31 22.07 12.27 -5.47
CA VAL B 31 21.00 11.65 -6.25
C VAL B 31 19.74 11.53 -5.46
N GLU B 32 18.64 11.99 -6.00
CA GLU B 32 17.41 11.77 -5.30
C GLU B 32 16.30 11.32 -6.23
N ILE B 33 15.61 10.26 -5.79
CA ILE B 33 14.45 9.74 -6.47
C ILE B 33 13.30 10.55 -6.01
N ILE B 34 12.53 11.07 -6.96
CA ILE B 34 11.44 11.98 -6.64
C ILE B 34 10.09 11.26 -6.49
N ALA B 35 9.58 11.28 -5.25
CA ALA B 35 8.22 10.81 -4.92
C ALA B 35 7.15 11.61 -5.66
N ASN B 36 6.08 10.93 -6.09
CA ASN B 36 4.97 11.63 -6.69
C ASN B 36 4.05 12.24 -5.60
N GLU B 37 2.97 12.88 -6.05
CA GLU B 37 2.06 13.62 -5.16
C GLU B 37 1.39 12.70 -4.12
N GLN B 38 1.19 11.43 -4.47
CA GLN B 38 0.76 10.43 -3.48
C GLN B 38 1.89 9.81 -2.65
N GLY B 39 3.13 10.28 -2.86
CA GLY B 39 4.24 9.82 -2.09
C GLY B 39 4.91 8.57 -2.60
N ASN B 40 4.51 8.11 -3.79
CA ASN B 40 5.12 6.94 -4.40
C ASN B 40 6.39 7.30 -5.19
N ARG B 41 7.46 6.54 -4.98
CA ARG B 41 8.70 6.77 -5.72
C ARG B 41 8.75 6.17 -7.15
N VAL B 42 7.68 5.46 -7.53
CA VAL B 42 7.40 4.98 -8.90
C VAL B 42 5.95 5.28 -9.21
N THR B 43 5.63 5.37 -10.49
CA THR B 43 4.34 5.87 -10.97
C THR B 43 3.92 5.01 -12.14
N PRO B 44 2.70 4.49 -12.12
CA PRO B 44 2.33 3.54 -13.18
C PRO B 44 2.39 4.19 -14.53
N SER B 45 2.85 3.46 -15.55
CA SER B 45 2.90 4.02 -16.92
C SER B 45 1.55 3.84 -17.55
N PHE B 46 0.58 4.59 -17.01
CA PHE B 46 -0.84 4.38 -17.33
C PHE B 46 -1.42 5.77 -17.64
N VAL B 47 -2.24 5.79 -18.66
CA VAL B 47 -2.95 7.00 -19.06
C VAL B 47 -4.41 6.68 -19.22
N ALA B 48 -5.29 7.36 -18.50
CA ALA B 48 -6.73 7.09 -18.71
C ALA B 48 -7.47 8.35 -19.20
N PHE B 49 -8.41 8.10 -20.08
CA PHE B 49 -9.21 9.16 -20.64
C PHE B 49 -10.66 8.99 -20.22
N THR B 50 -11.28 10.08 -19.75
CA THR B 50 -12.65 10.02 -19.24
C THR B 50 -13.52 11.05 -19.94
N PRO B 51 -14.82 11.04 -19.66
CA PRO B 51 -15.64 12.10 -20.28
C PRO B 51 -15.28 13.53 -19.84
N GLU B 52 -14.52 13.68 -18.77
CA GLU B 52 -14.21 14.99 -18.22
C GLU B 52 -12.72 15.33 -18.14
N GLU B 53 -11.86 14.32 -18.14
CA GLU B 53 -10.47 14.60 -17.87
C GLU B 53 -9.52 13.51 -18.34
N ARG B 54 -8.24 13.80 -18.23
CA ARG B 54 -7.18 12.84 -18.49
C ARG B 54 -6.47 12.58 -17.16
N LEU B 55 -6.26 11.32 -16.84
CA LEU B 55 -5.56 10.95 -15.63
C LEU B 55 -4.29 10.17 -15.97
N ILE B 56 -3.21 10.41 -15.23
CA ILE B 56 -1.91 9.80 -15.54
C ILE B 56 -1.32 9.26 -14.24
N GLY B 57 -0.87 8.01 -14.29
CA GLY B 57 -0.18 7.41 -13.15
C GLY B 57 -1.15 6.74 -12.17
N ASP B 58 -1.02 7.03 -10.88
CA ASP B 58 -1.73 6.30 -9.86
C ASP B 58 -3.23 6.40 -10.08
N ALA B 59 -3.70 7.62 -10.32
CA ALA B 59 -5.13 7.89 -10.55
C ALA B 59 -5.66 7.14 -11.76
N ALA B 60 -4.82 6.97 -12.79
CA ALA B 60 -5.25 6.20 -13.97
C ALA B 60 -5.32 4.72 -13.63
N LYS B 61 -4.27 4.23 -12.95
CA LYS B 61 -4.31 2.81 -12.61
C LYS B 61 -5.51 2.48 -11.68
N ASN B 62 -5.80 3.39 -10.74
CA ASN B 62 -6.90 3.15 -9.76
C ASN B 62 -8.32 3.13 -10.33
N GLN B 63 -8.55 3.56 -11.56
CA GLN B 63 -9.89 3.46 -12.15
C GLN B 63 -9.90 2.52 -13.35
N ALA B 64 -8.83 1.76 -13.51
CA ALA B 64 -8.65 0.93 -14.73
C ALA B 64 -9.76 -0.12 -14.88
N ALA B 65 -10.19 -0.73 -13.78
CA ALA B 65 -11.25 -1.73 -13.84
C ALA B 65 -12.62 -1.12 -14.20
N LEU B 66 -12.82 0.15 -13.80
CA LEU B 66 -14.06 0.85 -14.13
C LEU B 66 -14.05 1.32 -15.60
N ASN B 67 -12.85 1.61 -16.11
CA ASN B 67 -12.70 2.20 -17.43
C ASN B 67 -11.67 1.48 -18.32
N PRO B 68 -11.91 0.18 -18.60
CA PRO B 68 -10.90 -0.66 -19.30
C PRO B 68 -10.61 -0.26 -20.76
N ARG B 69 -11.61 0.25 -21.45
CA ARG B 69 -11.45 0.54 -22.88
C ARG B 69 -10.68 1.81 -23.16
N ASN B 70 -10.65 2.71 -22.20
CA ASN B 70 -9.99 4.00 -22.35
C ASN B 70 -8.87 4.27 -21.36
N THR B 71 -8.39 3.19 -20.75
CA THR B 71 -7.22 3.24 -19.89
C THR B 71 -6.08 2.52 -20.63
N VAL B 72 -5.08 3.29 -21.03
CA VAL B 72 -4.06 2.74 -21.90
C VAL B 72 -2.86 2.41 -21.03
N PHE B 73 -2.28 1.25 -21.26
CA PHE B 73 -1.03 0.84 -20.60
C PHE B 73 -0.19 0.05 -21.60
N ASP B 74 1.05 -0.32 -21.25
CA ASP B 74 1.85 -1.12 -22.16
C ASP B 74 2.14 -0.43 -23.51
N ALA B 75 2.15 0.90 -23.55
CA ALA B 75 2.41 1.59 -24.83
C ALA B 75 3.87 1.30 -25.24
N LYS B 76 4.74 1.02 -24.27
CA LYS B 76 6.09 0.59 -24.61
C LYS B 76 6.23 -0.68 -25.46
N ARG B 77 5.20 -1.53 -25.44
CA ARG B 77 5.15 -2.67 -26.32
C ARG B 77 4.87 -2.33 -27.78
N LEU B 78 4.32 -1.14 -28.02
CA LEU B 78 4.05 -0.71 -29.34
C LEU B 78 5.05 0.34 -29.85
N ILE B 79 5.69 1.13 -28.97
CA ILE B 79 6.38 2.32 -29.45
C ILE B 79 7.44 1.93 -30.51
N GLY B 80 7.43 2.64 -31.62
CA GLY B 80 8.41 2.47 -32.66
C GLY B 80 8.27 1.19 -33.46
N ARG B 81 7.19 0.45 -33.25
CA ARG B 81 6.92 -0.76 -34.05
C ARG B 81 5.92 -0.51 -35.18
N ARG B 82 5.67 -1.56 -35.97
CA ARG B 82 4.70 -1.50 -37.03
C ARG B 82 3.47 -2.38 -36.71
N PHE B 83 2.31 -1.96 -37.24
CA PHE B 83 1.03 -2.56 -36.90
C PHE B 83 1.04 -4.04 -37.18
N ASP B 84 1.54 -4.40 -38.36
CA ASP B 84 1.65 -5.80 -38.75
C ASP B 84 2.79 -6.57 -38.13
N ASP B 85 3.64 -5.95 -37.29
CA ASP B 85 4.66 -6.76 -36.64
C ASP B 85 4.01 -7.90 -35.89
N GLU B 86 4.69 -9.03 -35.92
CA GLU B 86 4.25 -10.22 -35.24
C GLU B 86 4.03 -9.97 -33.74
N SER B 87 4.98 -9.28 -33.10
CA SER B 87 4.86 -9.01 -31.67
C SER B 87 3.63 -8.14 -31.37
N VAL B 88 3.36 -7.15 -32.22
CA VAL B 88 2.22 -6.25 -32.05
C VAL B 88 0.86 -6.99 -32.11
N GLN B 89 0.71 -7.85 -33.13
CA GLN B 89 -0.48 -8.68 -33.29
C GLN B 89 -0.79 -9.51 -32.08
N LYS B 90 0.25 -10.14 -31.52
CA LYS B 90 0.08 -10.95 -30.33
C LYS B 90 -0.38 -10.08 -29.16
N ASP B 91 0.31 -8.97 -28.95
CA ASP B 91 0.02 -8.11 -27.79
C ASP B 91 -1.40 -7.52 -27.82
N MET B 92 -1.84 -7.12 -29.00
CA MET B 92 -3.17 -6.51 -29.20
C MET B 92 -4.35 -7.36 -28.70
N LYS B 93 -4.24 -8.66 -28.88
CA LYS B 93 -5.28 -9.54 -28.36
C LYS B 93 -5.33 -9.60 -26.85
N THR B 94 -4.30 -9.12 -26.17
CA THR B 94 -4.29 -9.17 -24.73
C THR B 94 -4.79 -7.91 -24.05
N TRP B 95 -5.14 -6.86 -24.81
CA TRP B 95 -5.43 -5.55 -24.22
C TRP B 95 -6.92 -5.27 -24.43
N PRO B 96 -7.57 -4.60 -23.49
CA PRO B 96 -8.97 -4.26 -23.64
C PRO B 96 -9.20 -2.95 -24.39
N PHE B 97 -8.13 -2.18 -24.65
CA PHE B 97 -8.23 -0.97 -25.49
C PHE B 97 -7.97 -1.34 -26.94
N LYS B 98 -8.47 -0.50 -27.84
CA LYS B 98 -8.39 -0.73 -29.29
CA LYS B 98 -8.42 -0.71 -29.30
C LYS B 98 -7.18 -0.10 -29.95
N VAL B 99 -6.52 -0.88 -30.80
CA VAL B 99 -5.37 -0.45 -31.58
C VAL B 99 -5.71 -0.62 -33.07
N ILE B 100 -5.50 0.42 -33.86
CA ILE B 100 -5.80 0.42 -35.30
C ILE B 100 -4.54 0.70 -36.11
N ASP B 101 -4.63 0.41 -37.42
CA ASP B 101 -3.58 0.67 -38.40
C ASP B 101 -3.76 2.04 -39.04
N VAL B 102 -2.84 2.98 -38.78
CA VAL B 102 -2.78 4.24 -39.54
C VAL B 102 -1.44 4.29 -40.29
N ASP B 103 -1.53 4.09 -41.61
CA ASP B 103 -0.40 4.08 -42.53
C ASP B 103 0.66 3.08 -42.08
N GLY B 104 0.23 1.93 -41.58
CA GLY B 104 1.14 0.87 -41.18
C GLY B 104 1.67 0.95 -39.75
N ASN B 105 1.31 2.00 -39.02
CA ASN B 105 1.71 2.14 -37.62
C ASN B 105 0.55 1.92 -36.65
N PRO B 106 0.88 1.40 -35.45
CA PRO B 106 -0.15 1.13 -34.49
C PRO B 106 -0.57 2.41 -33.83
N VAL B 107 -1.89 2.61 -33.70
CA VAL B 107 -2.47 3.81 -33.17
C VAL B 107 -3.56 3.38 -32.17
N ILE B 108 -3.63 4.07 -31.03
CA ILE B 108 -4.57 3.76 -29.97
C ILE B 108 -5.79 4.65 -30.09
N GLU B 109 -6.99 4.06 -29.99
CA GLU B 109 -8.27 4.77 -30.19
C GLU B 109 -9.17 4.64 -28.98
N VAL B 110 -9.57 5.77 -28.39
CA VAL B 110 -10.26 5.79 -27.10
C VAL B 110 -11.38 6.80 -27.20
N GLN B 111 -12.29 6.77 -26.21
CA GLN B 111 -13.26 7.83 -26.04
C GLN B 111 -12.66 8.78 -25.03
N TYR B 112 -12.65 10.07 -25.35
CA TYR B 112 -12.00 11.05 -24.49
C TYR B 112 -12.79 12.35 -24.63
N LEU B 113 -13.29 12.92 -23.52
CA LEU B 113 -14.09 14.14 -23.54
C LEU B 113 -15.32 13.96 -24.47
N GLU B 114 -15.80 12.70 -24.50
CA GLU B 114 -16.99 12.29 -25.27
C GLU B 114 -16.82 12.42 -26.78
N GLU B 115 -15.58 12.36 -27.24
CA GLU B 115 -15.29 12.20 -28.65
C GLU B 115 -14.36 11.05 -28.77
N THR B 116 -14.34 10.46 -29.96
CA THR B 116 -13.36 9.44 -30.31
C THR B 116 -12.00 10.13 -30.62
N LYS B 117 -10.93 9.72 -29.96
CA LYS B 117 -9.61 10.30 -30.19
C LYS B 117 -8.58 9.18 -30.47
N THR B 118 -7.62 9.46 -31.32
CA THR B 118 -6.51 8.51 -31.57
C THR B 118 -5.20 9.10 -31.11
N PHE B 119 -4.32 8.25 -30.60
CA PHE B 119 -3.02 8.66 -30.14
C PHE B 119 -2.01 7.61 -30.62
N SER B 120 -0.83 8.07 -31.06
CA SER B 120 0.30 7.16 -31.30
C SER B 120 0.87 6.70 -29.98
N PRO B 121 1.66 5.62 -30.01
CA PRO B 121 2.33 5.23 -28.79
C PRO B 121 3.21 6.33 -28.23
N GLN B 122 3.85 7.14 -29.11
CA GLN B 122 4.68 8.28 -28.72
C GLN B 122 3.93 9.26 -27.91
N GLU B 123 2.73 9.59 -28.39
CA GLU B 123 1.81 10.51 -27.69
C GLU B 123 1.42 9.99 -26.31
N ILE B 124 1.07 8.71 -26.19
CA ILE B 124 0.80 8.13 -24.81
C ILE B 124 2.02 8.25 -23.89
N SER B 125 3.17 7.83 -24.38
CA SER B 125 4.35 7.87 -23.59
C SER B 125 4.77 9.30 -23.26
N ALA B 126 4.49 10.26 -24.15
CA ALA B 126 4.78 11.66 -23.84
C ALA B 126 3.90 12.11 -22.66
N MET B 127 2.69 11.61 -22.60
CA MET B 127 1.82 11.95 -21.44
C MET B 127 2.37 11.42 -20.11
N VAL B 128 2.94 10.22 -20.15
CA VAL B 128 3.67 9.69 -19.01
C VAL B 128 4.85 10.51 -18.67
N LEU B 129 5.65 10.88 -19.70
CA LEU B 129 6.80 11.70 -19.48
C LEU B 129 6.44 13.04 -18.90
N THR B 130 5.34 13.61 -19.36
CA THR B 130 4.88 14.88 -18.80
C THR B 130 4.56 14.79 -17.31
N LYS B 131 3.94 13.71 -16.90
CA LYS B 131 3.69 13.48 -15.48
C LYS B 131 4.98 13.41 -14.70
N MET B 132 5.94 12.66 -15.24
CA MET B 132 7.23 12.47 -14.60
C MET B 132 7.96 13.81 -14.44
N LYS B 133 7.85 14.62 -15.46
CA LYS B 133 8.46 15.95 -15.45
C LYS B 133 7.81 16.83 -14.37
N GLU B 134 6.49 16.76 -14.32
CA GLU B 134 5.70 17.49 -13.34
C GLU B 134 5.98 17.08 -11.89
N ILE B 135 6.18 15.78 -11.66
CA ILE B 135 6.60 15.22 -10.35
C ILE B 135 7.89 15.89 -9.92
N ALA B 136 8.84 15.95 -10.88
CA ALA B 136 10.13 16.58 -10.62
C ALA B 136 9.98 18.07 -10.34
N GLU B 137 9.16 18.75 -11.13
CA GLU B 137 8.99 20.21 -11.00
C GLU B 137 8.39 20.56 -9.64
N ALA B 138 7.40 19.77 -9.18
CA ALA B 138 6.85 20.00 -7.87
C ALA B 138 7.91 19.85 -6.79
N LYS B 139 8.83 18.91 -6.92
CA LYS B 139 9.80 18.75 -5.84
C LYS B 139 10.94 19.81 -5.90
N ILE B 140 11.39 20.11 -7.13
CA ILE B 140 12.52 21.01 -7.41
C ILE B 140 12.08 22.45 -7.20
N GLY B 141 10.82 22.71 -7.55
CA GLY B 141 10.28 24.05 -7.56
C GLY B 141 10.76 24.93 -8.71
N LYS B 142 11.05 24.33 -9.85
CA LYS B 142 11.43 25.08 -11.04
C LYS B 142 10.95 24.29 -12.22
N LYS B 143 10.76 24.99 -13.34
CA LYS B 143 10.42 24.34 -14.59
C LYS B 143 11.58 23.51 -15.03
N VAL B 144 11.26 22.29 -15.44
CA VAL B 144 12.29 21.38 -15.93
C VAL B 144 12.21 21.36 -17.44
N GLU B 145 13.37 21.55 -18.04
CA GLU B 145 13.47 21.55 -19.49
C GLU B 145 14.31 20.39 -20.07
N LYS B 146 15.29 19.88 -19.33
CA LYS B 146 16.25 18.92 -19.88
C LYS B 146 16.10 17.54 -19.22
N ALA B 147 16.22 16.43 -19.99
CA ALA B 147 16.09 15.06 -19.47
C ALA B 147 17.08 14.08 -20.14
N VAL B 148 17.51 13.04 -19.39
CA VAL B 148 18.06 11.82 -19.94
C VAL B 148 16.96 10.74 -19.80
N ILE B 149 16.62 10.05 -20.90
CA ILE B 149 15.57 9.02 -20.90
C ILE B 149 16.21 7.67 -21.26
N THR B 150 15.80 6.60 -20.56
CA THR B 150 16.35 5.26 -20.79
C THR B 150 15.43 4.42 -21.66
N VAL B 151 16.02 3.41 -22.28
CA VAL B 151 15.33 2.42 -23.10
C VAL B 151 16.05 1.09 -22.93
N PRO B 152 15.37 -0.02 -23.24
CA PRO B 152 16.01 -1.32 -23.22
C PRO B 152 17.14 -1.41 -24.23
N ALA B 153 18.19 -2.16 -23.88
CA ALA B 153 19.40 -2.20 -24.72
C ALA B 153 19.07 -2.76 -26.10
N TYR B 154 18.11 -3.67 -26.15
CA TYR B 154 17.78 -4.29 -27.40
C TYR B 154 16.95 -3.38 -28.32
N PHE B 155 16.45 -2.23 -27.84
CA PHE B 155 15.64 -1.35 -28.71
C PHE B 155 16.38 -0.92 -30.00
N ASN B 156 15.70 -0.99 -31.12
CA ASN B 156 16.30 -0.59 -32.40
C ASN B 156 16.20 0.92 -32.63
N ASP B 157 16.71 1.38 -33.77
CA ASP B 157 16.65 2.83 -34.05
C ASP B 157 15.23 3.44 -34.08
N ALA B 158 14.28 2.75 -34.69
CA ALA B 158 12.88 3.22 -34.71
C ALA B 158 12.30 3.39 -33.28
N GLN B 159 12.52 2.37 -32.45
CA GLN B 159 12.06 2.42 -31.06
C GLN B 159 12.74 3.55 -30.28
N ARG B 160 14.02 3.81 -30.58
CA ARG B 160 14.75 4.87 -29.83
C ARG B 160 14.23 6.24 -30.30
N GLN B 161 14.05 6.36 -31.62
CA GLN B 161 13.56 7.61 -32.20
C GLN B 161 12.15 7.95 -31.67
N ALA B 162 11.29 6.94 -31.69
CA ALA B 162 9.93 7.14 -31.16
C ALA B 162 9.95 7.59 -29.67
N THR B 163 10.88 7.03 -28.91
CA THR B 163 11.04 7.39 -27.49
C THR B 163 11.55 8.85 -27.37
N LYS B 164 12.50 9.22 -28.22
CA LYS B 164 12.98 10.59 -28.26
C LYS B 164 11.85 11.58 -28.65
N ASP B 165 11.05 11.17 -29.62
CA ASP B 165 9.90 11.94 -30.09
C ASP B 165 8.92 12.13 -28.97
N ALA B 166 8.72 11.09 -28.14
CA ALA B 166 7.83 11.22 -27.00
C ALA B 166 8.35 12.29 -26.01
N GLY B 167 9.65 12.28 -25.76
CA GLY B 167 10.29 13.30 -24.92
C GLY B 167 10.06 14.71 -25.45
N ALA B 168 10.20 14.90 -26.76
CA ALA B 168 9.99 16.20 -27.38
C ALA B 168 8.54 16.66 -27.27
N ILE B 169 7.60 15.77 -27.56
CA ILE B 169 6.19 16.11 -27.38
C ILE B 169 5.96 16.64 -25.94
N SER B 170 6.59 16.02 -24.96
CA SER B 170 6.40 16.40 -23.56
C SER B 170 7.04 17.75 -23.17
N GLY B 171 7.69 18.43 -24.11
CA GLY B 171 8.41 19.66 -23.82
C GLY B 171 9.77 19.42 -23.23
N LEU B 172 10.36 18.23 -23.36
CA LEU B 172 11.70 18.01 -22.85
C LEU B 172 12.78 18.18 -23.91
N ASN B 173 13.88 18.80 -23.53
CA ASN B 173 15.10 18.71 -24.32
C ASN B 173 15.78 17.40 -23.92
N VAL B 174 15.58 16.36 -24.74
CA VAL B 174 16.25 15.07 -24.44
C VAL B 174 17.73 15.16 -24.79
N LEU B 175 18.56 15.37 -23.80
CA LEU B 175 20.01 15.39 -23.98
C LEU B 175 20.61 14.10 -24.51
N ARG B 176 20.09 12.94 -24.07
CA ARG B 176 20.64 11.64 -24.50
C ARG B 176 19.62 10.55 -24.17
N ILE B 177 19.50 9.56 -25.06
CA ILE B 177 18.81 8.30 -24.73
C ILE B 177 19.90 7.31 -24.35
N ILE B 178 19.82 6.72 -23.15
CA ILE B 178 20.80 5.70 -22.81
C ILE B 178 20.10 4.37 -22.51
N ASN B 179 20.87 3.30 -22.58
CA ASN B 179 20.36 1.97 -22.25
C ASN B 179 20.07 1.79 -20.76
N GLU B 180 18.91 1.19 -20.44
CA GLU B 180 18.59 0.83 -19.07
C GLU B 180 19.72 0.12 -18.31
N PRO B 181 20.28 -0.93 -18.86
CA PRO B 181 21.30 -1.56 -18.05
C PRO B 181 22.52 -0.66 -17.83
N THR B 182 22.84 0.21 -18.78
CA THR B 182 23.98 1.14 -18.64
C THR B 182 23.69 2.17 -17.51
N ALA B 183 22.45 2.67 -17.47
CA ALA B 183 22.00 3.52 -16.41
C ALA B 183 22.21 2.88 -15.04
N ALA B 184 21.86 1.59 -14.94
CA ALA B 184 22.05 0.84 -13.71
C ALA B 184 23.53 0.77 -13.33
N ALA B 185 24.40 0.38 -14.25
CA ALA B 185 25.84 0.40 -14.01
C ALA B 185 26.34 1.76 -13.52
N ILE B 186 25.91 2.80 -14.20
CA ILE B 186 26.25 4.18 -13.85
C ILE B 186 25.83 4.53 -12.42
N ALA B 187 24.64 4.11 -12.02
CA ALA B 187 24.14 4.36 -10.68
C ALA B 187 25.11 3.83 -9.65
N TYR B 188 25.63 2.64 -9.91
CA TYR B 188 26.55 2.02 -8.99
C TYR B 188 27.98 2.54 -9.11
N GLY B 189 28.20 3.50 -10.01
CA GLY B 189 29.49 4.11 -10.27
C GLY B 189 30.46 3.13 -10.90
N LEU B 190 29.96 2.15 -11.63
CA LEU B 190 30.80 1.09 -12.15
C LEU B 190 31.80 1.53 -13.23
N GLY B 191 31.44 2.40 -14.13
CA GLY B 191 32.50 2.87 -15.06
C GLY B 191 33.12 4.18 -14.62
N ALA B 192 32.90 4.56 -13.36
CA ALA B 192 33.19 5.94 -12.95
C ALA B 192 34.72 6.14 -12.76
N GLY B 193 35.16 7.38 -12.79
CA GLY B 193 36.62 7.67 -12.83
C GLY B 193 37.23 7.40 -14.21
N LYS B 194 36.45 6.76 -15.09
CA LYS B 194 36.79 6.55 -16.49
C LYS B 194 38.07 5.72 -16.70
N SER B 195 38.35 4.75 -15.83
CA SER B 195 39.57 3.95 -15.99
C SER B 195 39.58 3.21 -17.34
N GLU B 196 40.78 3.12 -17.91
CA GLU B 196 41.04 2.34 -19.11
C GLU B 196 41.02 0.81 -18.83
N LYS B 197 41.05 0.43 -17.56
CA LYS B 197 40.95 -1.01 -17.19
C LYS B 197 39.52 -1.51 -17.33
N GLU B 198 39.30 -2.24 -18.43
CA GLU B 198 37.99 -2.76 -18.76
C GLU B 198 37.34 -3.59 -17.64
N ARG B 199 36.01 -3.49 -17.55
CA ARG B 199 35.21 -4.26 -16.62
C ARG B 199 34.15 -4.94 -17.44
N HIS B 200 33.69 -6.10 -16.97
CA HIS B 200 32.53 -6.74 -17.56
C HIS B 200 31.44 -6.80 -16.49
N VAL B 201 30.25 -6.28 -16.79
CA VAL B 201 29.20 -6.13 -15.79
C VAL B 201 27.97 -6.81 -16.37
N LEU B 202 27.33 -7.66 -15.57
CA LEU B 202 26.12 -8.34 -15.97
C LEU B 202 24.93 -7.74 -15.23
N ILE B 203 23.94 -7.30 -16.00
CA ILE B 203 22.73 -6.68 -15.41
C ILE B 203 21.56 -7.64 -15.53
N PHE B 204 21.03 -8.08 -14.39
CA PHE B 204 19.89 -8.96 -14.32
C PHE B 204 18.63 -8.12 -13.89
N ASP B 205 17.74 -7.89 -14.86
CA ASP B 205 16.64 -6.94 -14.74
C ASP B 205 15.30 -7.59 -14.93
N LEU B 206 14.58 -7.84 -13.84
CA LEU B 206 13.29 -8.48 -13.89
C LEU B 206 12.33 -7.40 -13.49
N GLY B 207 11.62 -6.83 -14.46
CA GLY B 207 10.65 -5.74 -14.23
C GLY B 207 9.29 -6.27 -13.92
N GLY B 208 8.26 -5.41 -13.94
CA GLY B 208 6.85 -5.88 -13.72
C GLY B 208 6.33 -6.80 -14.85
N GLY B 209 6.81 -6.52 -16.06
CA GLY B 209 6.33 -7.18 -17.26
C GLY B 209 7.33 -7.81 -18.20
N THR B 210 8.62 -7.52 -17.99
CA THR B 210 9.70 -7.84 -18.90
C THR B 210 10.91 -8.31 -18.10
N PHE B 211 11.72 -9.17 -18.75
CA PHE B 211 12.98 -9.61 -18.19
C PHE B 211 14.12 -9.38 -19.18
N ASP B 212 15.17 -8.67 -18.74
CA ASP B 212 16.31 -8.33 -19.62
C ASP B 212 17.63 -8.68 -18.94
N VAL B 213 18.48 -9.42 -19.66
CA VAL B 213 19.82 -9.65 -19.16
C VAL B 213 20.79 -9.10 -20.22
N SER B 214 21.72 -8.28 -19.72
CA SER B 214 22.68 -7.59 -20.52
C SER B 214 24.10 -7.70 -19.97
N LEU B 215 25.04 -7.88 -20.89
CA LEU B 215 26.47 -7.98 -20.53
C LEU B 215 27.13 -6.72 -21.11
N LEU B 216 27.61 -5.85 -20.21
CA LEU B 216 28.24 -4.61 -20.59
C LEU B 216 29.78 -4.75 -20.53
N HIS B 217 30.48 -4.07 -21.43
CA HIS B 217 31.93 -3.88 -21.33
C HIS B 217 32.08 -2.40 -21.06
N ILE B 218 32.82 -2.03 -20.00
CA ILE B 218 33.00 -0.65 -19.60
C ILE B 218 34.52 -0.32 -19.59
N ALA B 219 34.90 0.73 -20.32
CA ALA B 219 36.30 1.19 -20.42
C ALA B 219 36.31 2.67 -20.77
N GLY B 220 37.00 3.47 -19.95
CA GLY B 220 37.24 4.86 -20.36
C GLY B 220 35.95 5.67 -20.38
N GLY B 221 34.96 5.24 -19.60
CA GLY B 221 33.63 5.86 -19.57
C GLY B 221 32.74 5.50 -20.73
N VAL B 222 33.11 4.49 -21.51
CA VAL B 222 32.28 4.00 -22.61
C VAL B 222 31.75 2.64 -22.19
N TYR B 223 30.42 2.54 -22.23
CA TYR B 223 29.68 1.37 -21.75
C TYR B 223 29.15 0.71 -23.03
N THR B 224 29.65 -0.45 -23.40
CA THR B 224 29.26 -1.08 -24.66
C THR B 224 28.47 -2.33 -24.31
N VAL B 225 27.29 -2.47 -24.89
CA VAL B 225 26.50 -3.67 -24.67
C VAL B 225 27.06 -4.75 -25.54
N LYS B 226 27.57 -5.81 -24.93
CA LYS B 226 28.24 -6.82 -25.69
C LYS B 226 27.27 -7.89 -26.13
N SER B 227 26.22 -8.08 -25.33
CA SER B 227 25.23 -9.10 -25.58
CA SER B 227 25.20 -9.08 -25.59
C SER B 227 24.03 -8.86 -24.65
N THR B 228 22.84 -9.18 -25.16
CA THR B 228 21.62 -9.02 -24.39
CA THR B 228 21.58 -9.01 -24.42
C THR B 228 20.67 -10.20 -24.69
N SER B 229 19.92 -10.63 -23.71
CA SER B 229 18.90 -11.66 -23.96
C SER B 229 17.85 -11.55 -22.85
N GLY B 230 16.73 -12.19 -23.00
CA GLY B 230 15.75 -12.04 -21.95
C GLY B 230 14.46 -12.61 -22.38
N ASN B 231 13.38 -12.10 -21.82
CA ASN B 231 12.05 -12.60 -22.13
C ASN B 231 11.10 -11.41 -21.95
N THR B 232 10.54 -10.92 -23.06
CA THR B 232 9.76 -9.67 -23.03
C THR B 232 8.38 -9.89 -22.39
N HIS B 233 8.07 -11.14 -22.04
CA HIS B 233 6.76 -11.48 -21.46
C HIS B 233 6.96 -12.31 -20.17
N LEU B 234 7.98 -11.96 -19.38
CA LEU B 234 8.15 -12.49 -18.06
C LEU B 234 8.48 -11.36 -17.14
N GLY B 235 7.63 -11.13 -16.16
CA GLY B 235 7.96 -10.15 -15.13
C GLY B 235 7.21 -10.45 -13.84
N GLY B 236 7.31 -9.55 -12.86
CA GLY B 236 6.64 -9.83 -11.58
C GLY B 236 5.13 -10.10 -11.69
N GLN B 237 4.47 -9.45 -12.67
CA GLN B 237 3.05 -9.63 -12.92
CA GLN B 237 3.05 -9.62 -12.90
C GLN B 237 2.71 -11.08 -13.24
N ASP B 238 3.66 -11.81 -13.81
CA ASP B 238 3.40 -13.21 -14.13
C ASP B 238 3.43 -14.11 -12.90
N PHE B 239 4.20 -13.71 -11.87
CA PHE B 239 4.21 -14.44 -10.60
C PHE B 239 2.87 -14.22 -9.91
N ASP B 240 2.38 -12.97 -10.02
CA ASP B 240 1.05 -12.59 -9.52
C ASP B 240 -0.04 -13.44 -10.16
N THR B 241 0.03 -13.58 -11.48
CA THR B 241 -0.95 -14.36 -12.22
C THR B 241 -0.93 -15.86 -11.76
N ASN B 242 0.25 -16.46 -11.64
CA ASN B 242 0.36 -17.84 -11.14
C ASN B 242 -0.31 -18.00 -9.82
N LEU B 243 -0.11 -17.04 -8.94
CA LEU B 243 -0.74 -17.04 -7.63
CA LEU B 243 -0.76 -17.06 -7.64
C LEU B 243 -2.26 -16.80 -7.71
N LEU B 244 -2.69 -15.95 -8.64
CA LEU B 244 -4.14 -15.74 -8.88
C LEU B 244 -4.79 -17.05 -9.30
N GLU B 245 -4.16 -17.75 -10.25
CA GLU B 245 -4.76 -19.00 -10.71
C GLU B 245 -4.82 -20.00 -9.58
N HIS B 246 -3.81 -20.01 -8.71
CA HIS B 246 -3.81 -20.89 -7.53
C HIS B 246 -5.00 -20.57 -6.61
N PHE B 247 -5.19 -19.28 -6.27
CA PHE B 247 -6.30 -18.85 -5.41
C PHE B 247 -7.66 -19.18 -6.01
N LYS B 248 -7.82 -18.88 -7.30
CA LYS B 248 -9.07 -19.22 -7.97
C LYS B 248 -9.42 -20.70 -7.78
N ALA B 249 -8.44 -21.57 -8.03
CA ALA B 249 -8.65 -23.03 -7.91
C ALA B 249 -8.90 -23.44 -6.47
N GLU B 250 -8.23 -22.81 -5.50
CA GLU B 250 -8.44 -23.17 -4.09
C GLU B 250 -9.85 -22.82 -3.59
N PHE B 251 -10.32 -21.68 -4.04
CA PHE B 251 -11.70 -21.24 -3.78
C PHE B 251 -12.69 -22.23 -4.36
N LYS B 252 -12.49 -22.57 -5.63
CA LYS B 252 -13.38 -23.53 -6.27
C LYS B 252 -13.29 -24.93 -5.64
N LYS B 253 -12.10 -25.39 -5.35
CA LYS B 253 -11.99 -26.67 -4.64
C LYS B 253 -12.82 -26.70 -3.36
N LYS B 254 -12.77 -25.58 -2.64
CA LYS B 254 -13.38 -25.51 -1.31
C LYS B 254 -14.90 -25.32 -1.38
N THR B 255 -15.36 -24.50 -2.30
CA THR B 255 -16.73 -24.04 -2.26
C THR B 255 -17.53 -24.46 -3.45
N GLY B 256 -16.85 -24.85 -4.52
CA GLY B 256 -17.51 -25.12 -5.81
C GLY B 256 -17.87 -23.89 -6.65
N LEU B 257 -17.60 -22.71 -6.10
CA LEU B 257 -17.94 -21.47 -6.80
C LEU B 257 -16.87 -21.06 -7.82
N ASP B 258 -17.34 -20.62 -8.98
CA ASP B 258 -16.48 -20.11 -10.04
C ASP B 258 -16.64 -18.61 -10.11
N ILE B 259 -15.54 -17.86 -10.08
CA ILE B 259 -15.56 -16.39 -10.14
C ILE B 259 -14.99 -15.84 -11.47
N SER B 260 -14.90 -16.68 -12.50
CA SER B 260 -14.17 -16.26 -13.72
C SER B 260 -14.78 -15.12 -14.52
N ASP B 261 -16.07 -14.84 -14.40
CA ASP B 261 -16.62 -13.63 -15.06
C ASP B 261 -17.21 -12.65 -14.05
N ASP B 262 -16.64 -12.65 -12.86
CA ASP B 262 -16.91 -11.63 -11.84
C ASP B 262 -15.63 -10.81 -11.74
N ALA B 263 -15.54 -9.78 -12.57
CA ALA B 263 -14.33 -8.99 -12.68
C ALA B 263 -13.86 -8.45 -11.29
N ARG B 264 -14.81 -8.07 -10.45
CA ARG B 264 -14.45 -7.50 -9.16
C ARG B 264 -13.79 -8.55 -8.27
N ALA B 265 -14.30 -9.80 -8.30
CA ALA B 265 -13.72 -10.82 -7.48
C ALA B 265 -12.30 -11.09 -7.99
N LEU B 266 -12.11 -11.06 -9.31
CA LEU B 266 -10.79 -11.34 -9.88
C LEU B 266 -9.80 -10.24 -9.47
N ARG B 267 -10.26 -9.00 -9.50
CA ARG B 267 -9.41 -7.87 -9.17
CA ARG B 267 -9.38 -7.87 -9.16
C ARG B 267 -9.02 -7.92 -7.70
N ARG B 268 -9.99 -8.21 -6.85
CA ARG B 268 -9.69 -8.37 -5.42
C ARG B 268 -8.64 -9.48 -5.19
N LEU B 269 -8.76 -10.62 -5.87
CA LEU B 269 -7.80 -11.74 -5.68
C LEU B 269 -6.47 -11.42 -6.27
N ARG B 270 -6.44 -10.66 -7.36
CA ARG B 270 -5.13 -10.32 -7.91
C ARG B 270 -4.37 -9.37 -6.95
N THR B 271 -5.07 -8.41 -6.38
CA THR B 271 -4.47 -7.51 -5.40
C THR B 271 -3.97 -8.32 -4.21
N ALA B 272 -4.77 -9.31 -3.80
CA ALA B 272 -4.36 -10.21 -2.74
C ALA B 272 -3.08 -10.96 -3.08
N ALA B 273 -2.95 -11.45 -4.30
CA ALA B 273 -1.80 -12.17 -4.74
C ALA B 273 -0.53 -11.27 -4.75
N GLU B 274 -0.68 -10.03 -5.21
CA GLU B 274 0.42 -9.05 -5.24
C GLU B 274 0.91 -8.76 -3.85
N ARG B 275 -0.04 -8.54 -2.93
CA ARG B 275 0.36 -8.30 -1.54
C ARG B 275 1.03 -9.50 -0.82
N ALA B 276 0.52 -10.70 -1.10
CA ALA B 276 1.00 -11.91 -0.49
C ALA B 276 2.43 -12.17 -0.99
N LYS B 277 2.62 -12.01 -2.28
CA LYS B 277 3.98 -12.10 -2.85
C LYS B 277 5.00 -11.20 -2.10
N ARG B 278 4.66 -9.94 -1.98
CA ARG B 278 5.53 -8.99 -1.29
C ARG B 278 5.76 -9.40 0.14
N THR B 279 4.72 -9.79 0.84
CA THR B 279 4.87 -10.24 2.21
C THR B 279 5.85 -11.38 2.36
N LEU B 280 5.83 -12.32 1.40
CA LEU B 280 6.62 -13.52 1.49
C LEU B 280 8.11 -13.34 1.16
N SER B 281 8.47 -12.15 0.68
CA SER B 281 9.90 -11.75 0.68
C SER B 281 10.48 -11.46 2.08
N SER B 282 9.62 -11.20 3.06
CA SER B 282 10.00 -10.83 4.43
C SER B 282 9.89 -12.06 5.37
N VAL B 283 8.87 -12.88 5.16
CA VAL B 283 8.48 -13.93 6.11
C VAL B 283 8.12 -15.25 5.41
N THR B 284 7.77 -16.25 6.21
CA THR B 284 7.62 -17.64 5.78
C THR B 284 6.22 -17.99 5.34
N GLN B 285 5.24 -17.22 5.77
CA GLN B 285 3.85 -17.61 5.60
C GLN B 285 2.99 -16.40 5.67
N THR B 286 1.89 -16.45 4.96
CA THR B 286 0.90 -15.42 5.08
C THR B 286 -0.50 -15.98 4.88
N THR B 287 -1.42 -15.59 5.77
CA THR B 287 -2.83 -16.00 5.61
C THR B 287 -3.59 -15.00 4.77
N VAL B 288 -3.96 -15.43 3.57
CA VAL B 288 -4.65 -14.56 2.64
C VAL B 288 -6.15 -14.61 2.95
N GLU B 289 -6.73 -13.46 3.22
CA GLU B 289 -8.15 -13.29 3.50
C GLU B 289 -8.77 -12.33 2.52
N VAL B 290 -9.75 -12.81 1.77
CA VAL B 290 -10.58 -11.96 0.97
C VAL B 290 -12.03 -12.28 1.34
N ASP B 291 -12.61 -11.46 2.23
CA ASP B 291 -13.95 -11.75 2.80
C ASP B 291 -15.02 -11.47 1.72
N SER B 292 -16.12 -12.22 1.81
CA SER B 292 -17.23 -12.05 0.89
C SER B 292 -16.67 -11.91 -0.54
N LEU B 293 -15.73 -12.80 -0.89
CA LEU B 293 -15.22 -12.86 -2.28
C LEU B 293 -16.37 -13.13 -3.30
N PHE B 294 -17.28 -14.04 -2.95
CA PHE B 294 -18.43 -14.38 -3.85
C PHE B 294 -19.51 -15.12 -3.09
N ASP B 295 -20.75 -14.77 -3.42
CA ASP B 295 -21.94 -15.38 -2.81
C ASP B 295 -21.87 -15.28 -1.29
N GLY B 296 -21.19 -14.24 -0.77
CA GLY B 296 -21.03 -14.05 0.68
C GLY B 296 -20.02 -15.02 1.32
N GLU B 297 -19.35 -15.86 0.52
CA GLU B 297 -18.33 -16.77 1.10
C GLU B 297 -17.00 -16.01 1.18
N ASP B 298 -16.32 -16.18 2.30
CA ASP B 298 -15.02 -15.65 2.57
C ASP B 298 -13.93 -16.61 2.02
N PHE B 299 -12.94 -16.05 1.33
CA PHE B 299 -11.76 -16.78 0.86
C PHE B 299 -10.69 -16.66 1.91
N GLU B 300 -10.15 -17.78 2.34
CA GLU B 300 -9.09 -17.76 3.29
C GLU B 300 -8.12 -18.88 2.89
N SER B 301 -6.86 -18.54 2.73
CA SER B 301 -5.88 -19.54 2.29
C SER B 301 -4.52 -19.27 2.92
N SER B 302 -3.93 -20.26 3.58
CA SER B 302 -2.59 -20.08 4.11
C SER B 302 -1.64 -20.27 2.94
N LEU B 303 -0.84 -19.22 2.68
CA LEU B 303 0.18 -19.32 1.63
C LEU B 303 1.59 -19.26 2.23
N THR B 304 2.34 -20.34 2.06
CA THR B 304 3.70 -20.42 2.54
C THR B 304 4.65 -19.97 1.45
N ARG B 305 5.82 -19.52 1.88
CA ARG B 305 6.93 -19.25 0.94
C ARG B 305 7.20 -20.46 0.07
N ALA B 306 7.19 -21.62 0.67
CA ALA B 306 7.38 -22.85 -0.08
C ALA B 306 6.37 -23.05 -1.20
N ARG B 307 5.09 -22.80 -0.92
CA ARG B 307 4.02 -22.98 -1.92
C ARG B 307 4.18 -21.94 -3.08
N PHE B 308 4.47 -20.71 -2.69
CA PHE B 308 4.76 -19.64 -3.64
C PHE B 308 5.93 -20.03 -4.53
N GLU B 309 6.96 -20.65 -3.96
CA GLU B 309 8.13 -21.02 -4.78
C GLU B 309 7.83 -22.17 -5.75
N ASP B 310 7.07 -23.15 -5.28
CA ASP B 310 6.66 -24.25 -6.15
C ASP B 310 5.82 -23.75 -7.32
N LEU B 311 4.88 -22.84 -7.04
CA LEU B 311 3.97 -22.36 -8.06
C LEU B 311 4.75 -21.59 -9.17
N ASN B 312 5.84 -20.92 -8.81
CA ASN B 312 6.62 -20.16 -9.77
C ASN B 312 7.96 -20.80 -10.17
N ALA B 313 8.15 -22.08 -9.80
CA ALA B 313 9.43 -22.81 -9.99
C ALA B 313 9.96 -22.68 -11.38
N ALA B 314 9.12 -23.00 -12.34
CA ALA B 314 9.57 -23.05 -13.72
C ALA B 314 9.95 -21.67 -14.21
N LEU B 315 9.12 -20.67 -13.90
CA LEU B 315 9.45 -19.30 -14.29
C LEU B 315 10.74 -18.79 -13.61
N PHE B 316 10.94 -19.05 -12.32
CA PHE B 316 12.13 -18.54 -11.61
C PHE B 316 13.37 -19.16 -12.24
N LYS B 317 13.33 -20.48 -12.41
CA LYS B 317 14.45 -21.20 -12.99
C LYS B 317 14.81 -20.72 -14.38
N SER B 318 13.79 -20.35 -15.17
CA SER B 318 14.00 -19.90 -16.54
C SER B 318 14.79 -18.59 -16.64
N THR B 319 14.81 -17.78 -15.57
CA THR B 319 15.56 -16.57 -15.60
C THR B 319 17.04 -16.82 -15.81
N LEU B 320 17.55 -18.04 -15.49
CA LEU B 320 18.99 -18.33 -15.71
C LEU B 320 19.37 -18.58 -17.18
N GLU B 321 18.41 -18.97 -18.00
CA GLU B 321 18.70 -19.30 -19.37
C GLU B 321 19.24 -18.10 -20.16
N PRO B 322 18.58 -16.93 -20.06
CA PRO B 322 19.22 -15.80 -20.73
C PRO B 322 20.57 -15.41 -20.16
N VAL B 323 20.84 -15.67 -18.87
CA VAL B 323 22.16 -15.43 -18.30
C VAL B 323 23.23 -16.32 -19.02
N GLU B 324 22.92 -17.59 -19.14
CA GLU B 324 23.78 -18.53 -19.86
C GLU B 324 24.01 -18.07 -21.29
N GLN B 325 22.93 -17.63 -21.93
CA GLN B 325 22.97 -17.26 -23.34
C GLN B 325 23.89 -16.06 -23.57
N VAL B 326 23.79 -15.07 -22.71
CA VAL B 326 24.59 -13.88 -22.84
C VAL B 326 26.10 -14.20 -22.57
N LEU B 327 26.40 -15.12 -21.65
CA LEU B 327 27.81 -15.47 -21.42
C LEU B 327 28.39 -16.18 -22.67
N LYS B 328 27.65 -17.15 -23.18
CA LYS B 328 27.99 -17.80 -24.41
C LYS B 328 28.26 -16.81 -25.54
N ASP B 329 27.26 -16.00 -25.85
CA ASP B 329 27.32 -15.11 -26.99
C ASP B 329 28.52 -14.15 -26.92
N ALA B 330 28.82 -13.66 -25.72
CA ALA B 330 29.90 -12.73 -25.55
C ALA B 330 31.23 -13.50 -25.44
N LYS B 331 31.18 -14.82 -25.34
CA LYS B 331 32.38 -15.64 -25.11
C LYS B 331 33.09 -15.20 -23.83
N ILE B 332 32.30 -14.96 -22.78
CA ILE B 332 32.80 -14.58 -21.48
C ILE B 332 32.41 -15.67 -20.47
N SER B 333 33.37 -16.05 -19.64
CA SER B 333 33.17 -16.97 -18.55
C SER B 333 32.72 -16.25 -17.29
N LYS B 334 32.12 -16.99 -16.37
CA LYS B 334 31.62 -16.39 -15.13
C LYS B 334 32.71 -15.64 -14.37
N SER B 335 33.89 -16.26 -14.31
CA SER B 335 34.97 -15.69 -13.53
C SER B 335 35.34 -14.30 -14.06
N GLN B 336 35.08 -14.03 -15.35
CA GLN B 336 35.41 -12.71 -15.92
C GLN B 336 34.38 -11.60 -15.60
N ILE B 337 33.26 -11.95 -15.01
CA ILE B 337 32.20 -10.96 -14.70
C ILE B 337 32.62 -10.27 -13.39
N ASP B 338 32.91 -8.98 -13.47
CA ASP B 338 33.29 -8.20 -12.28
C ASP B 338 32.16 -7.94 -11.28
N GLU B 339 30.98 -7.61 -11.79
CA GLU B 339 29.77 -7.29 -10.96
C GLU B 339 28.52 -7.80 -11.60
N VAL B 340 27.60 -8.29 -10.78
CA VAL B 340 26.26 -8.72 -11.25
C VAL B 340 25.29 -7.84 -10.53
N VAL B 341 24.48 -7.09 -11.28
CA VAL B 341 23.63 -6.06 -10.72
C VAL B 341 22.20 -6.50 -10.85
N LEU B 342 21.45 -6.35 -9.76
CA LEU B 342 20.05 -6.72 -9.74
C LEU B 342 19.17 -5.45 -9.96
N VAL B 343 18.37 -5.52 -11.00
CA VAL B 343 17.44 -4.45 -11.31
C VAL B 343 16.01 -4.97 -11.29
N GLY B 344 15.13 -4.14 -10.78
CA GLY B 344 13.70 -4.52 -10.66
C GLY B 344 13.37 -5.18 -9.34
N GLY B 345 12.22 -4.76 -8.81
CA GLY B 345 11.81 -5.23 -7.49
C GLY B 345 11.63 -6.71 -7.33
N SER B 346 11.25 -7.40 -8.41
CA SER B 346 11.13 -8.82 -8.36
C SER B 346 12.43 -9.50 -8.00
N THR B 347 13.55 -8.81 -8.21
CA THR B 347 14.82 -9.43 -7.91
C THR B 347 15.04 -9.56 -6.40
N ARG B 348 14.21 -8.90 -5.57
CA ARG B 348 14.22 -9.15 -4.10
C ARG B 348 13.56 -10.48 -3.65
N ILE B 349 12.89 -11.18 -4.56
CA ILE B 349 12.31 -12.47 -4.24
C ILE B 349 13.42 -13.44 -3.82
N PRO B 350 13.36 -14.00 -2.58
CA PRO B 350 14.53 -14.73 -2.08
C PRO B 350 14.96 -15.86 -2.95
N LYS B 351 13.99 -16.60 -3.48
CA LYS B 351 14.31 -17.70 -4.40
C LYS B 351 15.07 -17.24 -5.66
N VAL B 352 14.67 -16.11 -6.24
CA VAL B 352 15.33 -15.62 -7.43
C VAL B 352 16.77 -15.25 -7.08
N GLN B 353 16.97 -14.63 -5.92
CA GLN B 353 18.30 -14.29 -5.50
C GLN B 353 19.18 -15.51 -5.28
N LYS B 354 18.59 -16.55 -4.69
CA LYS B 354 19.35 -17.76 -4.38
CA LYS B 354 19.37 -17.77 -4.37
C LYS B 354 19.78 -18.48 -5.66
N LEU B 355 18.90 -18.56 -6.63
CA LEU B 355 19.22 -19.21 -7.87
C LEU B 355 20.40 -18.50 -8.62
N LEU B 356 20.29 -17.18 -8.75
CA LEU B 356 21.30 -16.40 -9.42
C LEU B 356 22.61 -16.44 -8.62
N SER B 357 22.50 -16.41 -7.29
CA SER B 357 23.66 -16.43 -6.45
C SER B 357 24.39 -17.77 -6.56
N ASP B 358 23.64 -18.88 -6.57
CA ASP B 358 24.22 -20.19 -6.82
C ASP B 358 24.84 -20.31 -8.21
N PHE B 359 24.11 -19.81 -9.22
CA PHE B 359 24.68 -19.78 -10.58
C PHE B 359 26.09 -19.16 -10.62
N PHE B 360 26.25 -18.06 -9.86
CA PHE B 360 27.50 -17.38 -9.79
C PHE B 360 28.35 -17.82 -8.60
N ASP B 361 28.09 -19.02 -8.09
CA ASP B 361 28.96 -19.63 -7.10
C ASP B 361 29.15 -18.77 -5.86
N GLY B 362 28.08 -18.10 -5.40
CA GLY B 362 28.13 -17.35 -4.14
C GLY B 362 28.66 -15.95 -4.31
N LYS B 363 28.87 -15.53 -5.54
CA LYS B 363 29.34 -14.17 -5.82
C LYS B 363 28.37 -13.17 -5.17
N GLN B 364 28.91 -12.20 -4.45
CA GLN B 364 28.10 -11.09 -3.95
CA GLN B 364 28.10 -11.09 -3.95
C GLN B 364 27.42 -10.35 -5.11
N LEU B 365 26.11 -10.11 -4.97
CA LEU B 365 25.32 -9.41 -5.96
C LEU B 365 25.21 -7.94 -5.59
N GLU B 366 25.30 -7.07 -6.59
CA GLU B 366 25.10 -5.62 -6.36
C GLU B 366 23.60 -5.28 -6.32
N LYS B 367 23.10 -4.95 -5.15
CA LYS B 367 21.65 -4.77 -4.96
C LYS B 367 21.31 -3.75 -3.89
N SER B 368 22.30 -2.93 -3.53
CA SER B 368 22.17 -1.96 -2.44
C SER B 368 21.46 -0.67 -2.90
N ILE B 369 21.30 -0.44 -4.19
CA ILE B 369 20.38 0.62 -4.65
C ILE B 369 19.02 -0.01 -4.95
N ASN B 370 17.95 0.60 -4.47
CA ASN B 370 16.62 -0.03 -4.60
C ASN B 370 16.46 -0.44 -6.06
N PRO B 371 16.20 -1.73 -6.28
CA PRO B 371 16.21 -2.16 -7.67
C PRO B 371 15.16 -1.50 -8.57
N ASP B 372 14.03 -1.06 -8.01
CA ASP B 372 13.08 -0.29 -8.82
C ASP B 372 13.53 1.10 -9.20
N GLU B 373 14.59 1.59 -8.54
CA GLU B 373 15.04 2.95 -8.63
C GLU B 373 16.38 3.13 -9.35
N ALA B 374 17.11 2.06 -9.57
CA ALA B 374 18.50 2.12 -10.04
C ALA B 374 18.63 2.77 -11.41
N VAL B 375 17.76 2.35 -12.32
CA VAL B 375 17.78 2.96 -13.64
C VAL B 375 17.55 4.48 -13.66
N ALA B 376 16.50 4.96 -12.98
CA ALA B 376 16.33 6.40 -12.85
C ALA B 376 17.55 7.08 -12.24
N TYR B 377 18.08 6.45 -11.21
CA TYR B 377 19.25 6.96 -10.49
C TYR B 377 20.41 7.21 -11.47
N GLY B 378 20.70 6.23 -12.32
CA GLY B 378 21.75 6.36 -13.29
C GLY B 378 21.50 7.37 -14.39
N ALA B 379 20.26 7.44 -14.86
CA ALA B 379 19.80 8.47 -15.76
C ALA B 379 20.05 9.85 -15.17
N ALA B 380 19.79 10.00 -13.87
CA ALA B 380 20.03 11.30 -13.18
C ALA B 380 21.51 11.61 -13.16
N VAL B 381 22.34 10.61 -12.87
CA VAL B 381 23.77 10.80 -12.82
C VAL B 381 24.25 11.35 -14.17
N GLN B 382 23.79 10.69 -15.23
CA GLN B 382 24.11 11.09 -16.61
C GLN B 382 23.58 12.47 -16.99
N GLY B 383 22.35 12.80 -16.58
CA GLY B 383 21.86 14.16 -16.80
C GLY B 383 22.75 15.25 -16.14
N ALA B 384 23.36 14.91 -15.00
CA ALA B 384 24.26 15.85 -14.28
C ALA B 384 25.63 15.93 -14.93
N ILE B 385 26.08 14.84 -15.53
CA ILE B 385 27.28 14.87 -16.36
C ILE B 385 27.09 15.82 -17.54
N LEU B 386 25.89 15.88 -18.11
CA LEU B 386 25.64 16.58 -19.36
C LEU B 386 25.11 17.98 -19.15
N THR B 387 25.10 18.44 -17.91
CA THR B 387 24.68 19.80 -17.60
C THR B 387 25.75 20.44 -16.72
MG MG C . -11.86 0.83 16.54
MG MG D . 17.39 -11.22 -0.15
CL CL E . -8.17 3.54 14.72
CL CL F . 13.11 -7.14 1.48
CL CL G . -10.57 4.85 17.72
CL CL H . 14.58 0.17 -0.25
MG MG I . 12.89 -1.48 -15.65
CL CL J . 10.49 -2.14 -19.37
CL CL K . 8.18 -1.89 -15.68
CL CL L . 23.88 3.99 -23.56
C1 GOL M . 8.45 -4.50 -25.15
O1 GOL M . 8.75 -3.41 -26.00
C2 GOL M . 8.60 -4.03 -23.70
O2 GOL M . 7.58 -3.08 -23.51
C3 GOL M . 9.98 -3.47 -23.44
O3 GOL M . 11.01 -4.45 -23.70
#